data_3HCO
#
_entry.id   3HCO
#
_cell.length_a   86.266
_cell.length_b   92.827
_cell.length_c   109.555
_cell.angle_alpha   90.00
_cell.angle_beta   90.00
_cell.angle_gamma   90.00
#
_symmetry.space_group_name_H-M   'P 21 21 21'
#
loop_
_entity.id
_entity.type
_entity.pdbx_description
1 polymer 'Ferrochelatase, mitochondrial'
2 non-polymer 'FE2/S2 (INORGANIC) CLUSTER'
3 non-polymer GLYCEROL
4 non-polymer IMIDAZOLE
5 non-polymer 'BICARBONATE ION'
6 non-polymer 'CHOLIC ACID'
7 non-polymer 'PROTOPORPHYRIN IX CONTAINING FE'
8 non-polymer 'SULFATE ION'
9 water water
#
_entity_poly.entity_id   1
_entity_poly.type   'polypeptide(L)'
_entity_poly.pdbx_seq_one_letter_code
;RKPKTGILMLNMGGPETLGDVHDFLLRLFLDRDLMTLPIQNKLAPFIAKRRTPKIQEQYRRIGGGSPIKIWTSKQGEGMV
KLLDELSPNTAPHKYYIGFRYVHPLTEEAIEEMERDGLERAIAFTQYPQYSCSTTGSSLNAIYRYYNQVGRKPTMKWSTI
DRWPTHHLLIQCFADHILKELDHFPLEKRSEVVILFSAHSLPMSVVNRGDPYPQEVSATVQKVMERLEYCNPYRLVWQSK
VGPMPWLGPQTDESIKGLCERGRKNILLVPIAFTSDHIETLYELDIEYSQVLAKECGVENIRRAESLNGNPLFSKALADL
VHSHIQSNELCSKQLTLSCPLCVNPVCRETKSFFTSQQL
;
_entity_poly.pdbx_strand_id   A,B
#
loop_
_chem_comp.id
_chem_comp.type
_chem_comp.name
_chem_comp.formula
BCT non-polymer 'BICARBONATE ION' 'C H O3 -1'
CHD non-polymer 'CHOLIC ACID' 'C24 H40 O5'
FES non-polymer 'FE2/S2 (INORGANIC) CLUSTER' 'Fe2 S2'
GOL non-polymer GLYCEROL 'C3 H8 O3'
HEM non-polymer 'PROTOPORPHYRIN IX CONTAINING FE' 'C34 H32 Fe N4 O4'
IMD non-polymer IMIDAZOLE 'C3 H5 N2 1'
SO4 non-polymer 'SULFATE ION' 'O4 S -2'
#
# COMPACT_ATOMS: atom_id res chain seq x y z
N ARG A 1 -23.27 -36.32 -13.01
CA ARG A 1 -22.78 -35.96 -14.39
C ARG A 1 -21.24 -35.96 -14.48
N LYS A 2 -20.74 -35.88 -15.71
CA LYS A 2 -19.35 -35.55 -15.95
C LYS A 2 -19.18 -34.08 -15.55
N PRO A 3 -17.97 -33.71 -15.07
CA PRO A 3 -17.83 -32.32 -14.63
C PRO A 3 -17.94 -31.34 -15.80
N LYS A 4 -18.62 -30.21 -15.56
CA LYS A 4 -18.87 -29.15 -16.55
C LYS A 4 -17.83 -28.02 -16.43
N THR A 5 -17.59 -27.57 -15.19
CA THR A 5 -16.77 -26.39 -14.93
C THR A 5 -15.66 -26.76 -13.95
N GLY A 6 -14.40 -26.54 -14.37
CA GLY A 6 -13.23 -26.85 -13.55
C GLY A 6 -12.78 -25.56 -12.86
N ILE A 7 -12.39 -25.66 -11.58
CA ILE A 7 -11.81 -24.51 -10.87
C ILE A 7 -10.42 -24.95 -10.44
N LEU A 8 -9.40 -24.43 -11.12
CA LEU A 8 -8.02 -24.76 -10.84
C LEU A 8 -7.54 -23.79 -9.73
N MET A 9 -7.35 -24.34 -8.54
CA MET A 9 -6.96 -23.55 -7.37
C MET A 9 -5.43 -23.53 -7.36
N LEU A 10 -4.84 -22.34 -7.55
CA LEU A 10 -3.40 -22.23 -7.77
C LEU A 10 -2.72 -21.70 -6.54
N ASN A 11 -1.59 -22.30 -6.17
CA ASN A 11 -0.79 -21.87 -5.02
C ASN A 11 0.59 -22.48 -5.20
N MET A 12 1.57 -22.09 -4.39
CA MET A 12 2.93 -22.59 -4.58
C MET A 12 3.04 -24.03 -4.03
N GLY A 13 2.08 -24.39 -3.18
CA GLY A 13 2.13 -25.66 -2.44
C GLY A 13 3.10 -25.61 -1.28
N GLY A 14 3.37 -26.77 -0.67
CA GLY A 14 4.40 -26.84 0.38
C GLY A 14 4.69 -28.30 0.59
N PRO A 15 5.83 -28.61 1.23
CA PRO A 15 6.19 -30.02 1.46
C PRO A 15 5.31 -30.61 2.53
N GLU A 16 4.66 -31.71 2.18
CA GLU A 16 3.70 -32.37 3.07
C GLU A 16 4.41 -32.98 4.29
N THR A 17 5.59 -33.51 4.06
CA THR A 17 6.42 -34.05 5.14
C THR A 17 7.83 -33.58 4.89
N LEU A 18 8.71 -33.80 5.85
CA LEU A 18 10.07 -33.29 5.78
C LEU A 18 10.85 -33.89 4.62
N GLY A 19 10.47 -35.11 4.20
CA GLY A 19 11.12 -35.73 3.05
C GLY A 19 10.78 -35.03 1.73
N ASP A 20 9.69 -34.26 1.73
CA ASP A 20 9.26 -33.51 0.53
C ASP A 20 9.98 -32.18 0.30
N VAL A 21 10.81 -31.76 1.26
CA VAL A 21 11.53 -30.47 1.17
C VAL A 21 12.47 -30.27 -0.03
N HIS A 22 13.36 -31.24 -0.29
CA HIS A 22 14.32 -31.09 -1.38
C HIS A 22 13.67 -30.86 -2.73
N ASP A 23 12.68 -31.65 -3.12
CA ASP A 23 12.11 -31.46 -4.44
C ASP A 23 11.28 -30.15 -4.52
N PHE A 24 10.60 -29.81 -3.42
CA PHE A 24 9.93 -28.49 -3.29
C PHE A 24 10.91 -27.36 -3.58
N LEU A 25 12.08 -27.38 -2.93
CA LEU A 25 13.12 -26.38 -3.13
C LEU A 25 13.75 -26.38 -4.52
N LEU A 26 13.95 -27.59 -5.04
CA LEU A 26 14.42 -27.73 -6.40
C LEU A 26 13.52 -27.03 -7.41
N ARG A 27 12.22 -27.32 -7.37
CA ARG A 27 11.34 -26.72 -8.32
C ARG A 27 11.24 -25.19 -8.10
N LEU A 28 11.40 -24.73 -6.86
CA LEU A 28 11.33 -23.29 -6.54
C LEU A 28 12.54 -22.55 -7.10
N PHE A 29 13.72 -23.09 -6.85
CA PHE A 29 14.93 -22.44 -7.35
C PHE A 29 15.09 -22.56 -8.89
N LEU A 30 14.37 -23.50 -9.50
CA LEU A 30 14.36 -23.67 -10.97
C LEU A 30 13.40 -22.70 -11.68
N ASP A 31 12.53 -22.03 -10.90
CA ASP A 31 11.43 -21.19 -11.45
C ASP A 31 11.95 -19.86 -11.97
N ARG A 32 12.08 -19.72 -13.28
CA ARG A 32 12.54 -18.46 -13.84
C ARG A 32 11.51 -17.34 -13.69
N ASP A 33 10.25 -17.70 -13.51
CA ASP A 33 9.22 -16.68 -13.20
C ASP A 33 9.35 -16.07 -11.80
N LEU A 34 9.97 -16.80 -10.89
CA LEU A 34 10.27 -16.33 -9.56
C LEU A 34 11.59 -15.56 -9.50
N MET A 35 12.66 -16.15 -9.99
CA MET A 35 13.95 -15.51 -9.84
C MET A 35 14.79 -15.91 -11.02
N THR A 36 15.79 -15.07 -11.31
CA THR A 36 16.68 -15.31 -12.42
C THR A 36 18.11 -15.44 -11.88
N LEU A 37 18.71 -16.59 -12.19
CA LEU A 37 20.06 -16.93 -11.71
C LEU A 37 20.90 -17.26 -12.94
N PRO A 38 22.19 -16.90 -12.90
CA PRO A 38 23.00 -17.43 -14.02
C PRO A 38 23.05 -18.96 -13.95
N ILE A 39 23.21 -19.63 -15.07
CA ILE A 39 23.33 -21.10 -15.10
C ILE A 39 22.33 -21.75 -14.13
N GLN A 40 21.05 -21.39 -14.31
CA GLN A 40 19.97 -21.76 -13.37
C GLN A 40 19.78 -23.25 -13.24
N ASN A 41 19.79 -23.95 -14.36
CA ASN A 41 19.66 -25.40 -14.35
C ASN A 41 20.77 -26.10 -13.56
N LYS A 42 21.92 -25.45 -13.38
CA LYS A 42 23.05 -26.04 -12.64
C LYS A 42 23.07 -25.59 -11.19
N LEU A 43 22.68 -24.32 -10.98
CA LEU A 43 22.70 -23.70 -9.67
C LEU A 43 21.54 -24.13 -8.77
N ALA A 44 20.34 -24.25 -9.35
CA ALA A 44 19.16 -24.59 -8.56
C ALA A 44 19.34 -25.90 -7.76
N PRO A 45 19.82 -26.98 -8.42
CA PRO A 45 19.97 -28.24 -7.68
C PRO A 45 20.93 -28.11 -6.51
N PHE A 46 22.00 -27.35 -6.70
CA PHE A 46 22.98 -27.14 -5.65
C PHE A 46 22.38 -26.34 -4.49
N ILE A 47 21.70 -25.25 -4.81
CA ILE A 47 21.04 -24.44 -3.79
C ILE A 47 19.99 -25.27 -3.04
N ALA A 48 19.14 -25.98 -3.78
CA ALA A 48 18.14 -26.87 -3.19
C ALA A 48 18.76 -27.89 -2.23
N LYS A 49 19.87 -28.51 -2.65
CA LYS A 49 20.58 -29.48 -1.81
C LYS A 49 21.16 -28.83 -0.56
N ARG A 50 21.82 -27.69 -0.72
CA ARG A 50 22.40 -26.94 0.39
C ARG A 50 21.40 -26.36 1.42
N ARG A 51 20.20 -25.95 0.98
CA ARG A 51 19.23 -25.35 1.90
C ARG A 51 18.23 -26.33 2.52
N THR A 52 18.20 -27.57 2.01
CA THR A 52 17.23 -28.57 2.48
C THR A 52 17.26 -28.75 4.03
N PRO A 53 18.46 -28.88 4.64
CA PRO A 53 18.51 -29.12 6.11
C PRO A 53 17.92 -27.98 6.94
N LYS A 54 18.26 -26.75 6.58
CA LYS A 54 17.69 -25.57 7.23
C LYS A 54 16.15 -25.50 7.08
N ILE A 55 15.65 -25.68 5.86
CA ILE A 55 14.21 -25.66 5.63
C ILE A 55 13.45 -26.85 6.26
N GLN A 56 14.05 -28.04 6.24
CA GLN A 56 13.52 -29.16 7.02
C GLN A 56 13.35 -28.79 8.50
N GLU A 57 14.37 -28.14 9.04
CA GLU A 57 14.38 -27.75 10.46
C GLU A 57 13.28 -26.73 10.73
N GLN A 58 13.11 -25.76 9.83
CA GLN A 58 11.98 -24.84 9.93
C GLN A 58 10.62 -25.52 9.88
N TYR A 59 10.43 -26.46 8.95
CA TYR A 59 9.16 -27.15 8.90
C TYR A 59 8.92 -28.06 10.16
N ARG A 60 9.97 -28.69 10.64
CA ARG A 60 9.92 -29.41 11.95
C ARG A 60 9.41 -28.53 13.09
N ARG A 61 9.88 -27.28 13.13
CA ARG A 61 9.43 -26.35 14.16
C ARG A 61 7.97 -26.02 14.09
N ILE A 62 7.31 -26.26 12.94
CA ILE A 62 5.88 -26.06 12.83
C ILE A 62 5.05 -27.31 12.66
N GLY A 63 5.58 -28.46 13.08
CA GLY A 63 4.82 -29.70 13.12
C GLY A 63 5.20 -30.75 12.10
N GLY A 64 6.20 -30.46 11.28
CA GLY A 64 6.76 -31.46 10.35
C GLY A 64 6.42 -31.30 8.87
N GLY A 65 5.77 -30.20 8.51
CA GLY A 65 5.50 -29.94 7.10
C GLY A 65 4.42 -28.91 6.97
N SER A 66 3.89 -28.78 5.76
CA SER A 66 2.85 -27.80 5.42
C SER A 66 1.50 -28.51 5.30
N PRO A 67 0.44 -27.94 5.89
CA PRO A 67 -0.91 -28.45 5.77
C PRO A 67 -1.67 -27.95 4.50
N ILE A 68 -0.98 -27.28 3.60
CA ILE A 68 -1.65 -26.57 2.48
C ILE A 68 -2.52 -27.50 1.60
N LYS A 69 -2.07 -28.71 1.33
CA LYS A 69 -2.87 -29.62 0.47
C LYS A 69 -4.19 -29.97 1.14
N ILE A 70 -4.16 -30.37 2.41
CA ILE A 70 -5.35 -30.74 3.14
C ILE A 70 -6.33 -29.57 3.26
N TRP A 71 -5.84 -28.39 3.63
CA TRP A 71 -6.68 -27.22 3.77
C TRP A 71 -7.26 -26.80 2.42
N THR A 72 -6.41 -26.86 1.38
CA THR A 72 -6.87 -26.46 0.02
C THR A 72 -7.98 -27.40 -0.50
N SER A 73 -7.83 -28.69 -0.27
CA SER A 73 -8.85 -29.71 -0.58
C SER A 73 -10.17 -29.43 0.11
N LYS A 74 -10.11 -29.26 1.43
CA LYS A 74 -11.30 -28.97 2.24
C LYS A 74 -12.04 -27.74 1.74
N GLN A 75 -11.30 -26.65 1.48
CA GLN A 75 -11.90 -25.45 0.96
C GLN A 75 -12.48 -25.67 -0.44
N GLY A 76 -11.76 -26.42 -1.28
CA GLY A 76 -12.20 -26.85 -2.61
C GLY A 76 -13.54 -27.58 -2.58
N GLU A 77 -13.63 -28.60 -1.70
CA GLU A 77 -14.90 -29.30 -1.43
C GLU A 77 -16.04 -28.36 -1.05
N GLY A 78 -15.83 -27.50 -0.05
CA GLY A 78 -16.84 -26.56 0.39
C GLY A 78 -17.27 -25.60 -0.72
N MET A 79 -16.28 -25.11 -1.45
CA MET A 79 -16.51 -24.18 -2.56
C MET A 79 -17.50 -24.76 -3.60
N VAL A 80 -17.16 -25.93 -4.07
CA VAL A 80 -17.93 -26.69 -5.08
C VAL A 80 -19.36 -26.99 -4.66
N LYS A 81 -19.53 -27.41 -3.41
CA LYS A 81 -20.85 -27.71 -2.91
C LYS A 81 -21.72 -26.47 -2.91
N LEU A 82 -21.15 -25.31 -2.57
CA LEU A 82 -21.89 -24.06 -2.65
C LEU A 82 -22.13 -23.61 -4.08
N LEU A 83 -21.19 -23.87 -4.97
CA LEU A 83 -21.31 -23.41 -6.36
C LEU A 83 -22.41 -24.17 -7.13
N ASP A 84 -22.55 -25.44 -6.80
CA ASP A 84 -23.57 -26.26 -7.46
C ASP A 84 -24.95 -25.72 -7.17
N GLU A 85 -25.10 -25.14 -5.99
CA GLU A 85 -26.33 -24.48 -5.60
C GLU A 85 -26.44 -23.05 -6.17
N LEU A 86 -25.31 -22.33 -6.16
CA LEU A 86 -25.29 -20.92 -6.55
C LEU A 86 -25.44 -20.71 -8.04
N SER A 87 -24.85 -21.58 -8.80
CA SER A 87 -24.80 -21.39 -10.22
C SER A 87 -25.22 -22.70 -10.92
N PRO A 88 -26.53 -23.00 -10.91
CA PRO A 88 -26.93 -24.32 -11.46
C PRO A 88 -26.61 -24.48 -12.96
N ASN A 89 -26.56 -23.37 -13.70
CA ASN A 89 -26.21 -23.38 -15.13
C ASN A 89 -24.79 -23.80 -15.48
N THR A 90 -23.87 -23.72 -14.50
CA THR A 90 -22.49 -24.16 -14.74
C THR A 90 -22.16 -25.45 -14.01
N ALA A 91 -23.11 -25.91 -13.21
CA ALA A 91 -23.01 -27.19 -12.49
C ALA A 91 -23.02 -28.41 -13.42
N PRO A 92 -22.26 -29.50 -13.09
CA PRO A 92 -21.48 -29.66 -11.86
C PRO A 92 -20.07 -29.04 -11.94
N HIS A 93 -19.65 -28.50 -10.79
CA HIS A 93 -18.33 -27.89 -10.66
C HIS A 93 -17.35 -28.89 -10.08
N LYS A 94 -16.10 -28.80 -10.47
CA LYS A 94 -15.08 -29.65 -9.91
C LYS A 94 -13.84 -28.83 -9.62
N TYR A 95 -13.32 -28.92 -8.40
CA TYR A 95 -12.10 -28.19 -8.09
C TYR A 95 -10.91 -29.08 -8.39
N TYR A 96 -9.80 -28.46 -8.78
CA TYR A 96 -8.55 -29.14 -9.03
C TYR A 96 -7.48 -28.35 -8.28
N ILE A 97 -6.55 -29.06 -7.64
CA ILE A 97 -5.42 -28.37 -6.98
C ILE A 97 -4.23 -28.24 -7.93
N GLY A 98 -3.69 -27.03 -8.10
CA GLY A 98 -2.53 -26.82 -9.01
C GLY A 98 -1.41 -26.11 -8.28
N PHE A 99 -0.53 -26.90 -7.64
CA PHE A 99 0.58 -26.33 -6.90
C PHE A 99 1.82 -26.11 -7.77
N ARG A 100 2.56 -25.04 -7.50
CA ARG A 100 3.64 -24.68 -8.38
C ARG A 100 4.80 -25.64 -8.22
N TYR A 101 5.07 -26.07 -6.97
CA TYR A 101 6.35 -26.70 -6.63
C TYR A 101 6.24 -28.10 -6.04
N VAL A 102 5.03 -28.59 -5.86
CA VAL A 102 4.80 -29.97 -5.31
C VAL A 102 3.58 -30.58 -5.99
N HIS A 103 3.45 -31.91 -5.92
CA HIS A 103 2.25 -32.59 -6.43
C HIS A 103 1.04 -32.26 -5.60
N PRO A 104 -0.14 -32.15 -6.22
CA PRO A 104 -0.33 -32.14 -7.69
C PRO A 104 0.13 -30.82 -8.30
N LEU A 105 0.98 -30.93 -9.32
CA LEU A 105 1.61 -29.79 -9.99
C LEU A 105 0.66 -29.17 -10.93
N THR A 106 0.86 -27.86 -11.22
CA THR A 106 -0.02 -27.11 -12.07
C THR A 106 -0.29 -27.90 -13.39
N GLU A 107 0.77 -28.45 -13.91
CA GLU A 107 0.76 -29.19 -15.18
C GLU A 107 -0.04 -30.49 -15.05
N GLU A 108 0.10 -31.19 -13.92
CA GLU A 108 -0.64 -32.42 -13.72
C GLU A 108 -2.09 -32.13 -13.61
N ALA A 109 -2.42 -30.98 -13.00
CA ALA A 109 -3.79 -30.55 -12.88
C ALA A 109 -4.37 -30.17 -14.26
N ILE A 110 -3.57 -29.52 -15.10
CA ILE A 110 -4.09 -29.06 -16.41
C ILE A 110 -4.46 -30.31 -17.26
N GLU A 111 -3.56 -31.28 -17.24
CA GLU A 111 -3.72 -32.56 -17.91
C GLU A 111 -4.97 -33.32 -17.46
N GLU A 112 -5.23 -33.40 -16.16
CA GLU A 112 -6.50 -33.97 -15.70
C GLU A 112 -7.74 -33.21 -16.19
N MET A 113 -7.71 -31.87 -16.11
CA MET A 113 -8.84 -31.05 -16.53
C MET A 113 -9.20 -31.34 -18.01
N GLU A 114 -8.17 -31.40 -18.85
CA GLU A 114 -8.33 -31.69 -20.28
C GLU A 114 -8.98 -33.10 -20.46
N ARG A 115 -8.41 -34.12 -19.79
CA ARG A 115 -9.01 -35.48 -19.78
C ARG A 115 -10.46 -35.49 -19.33
N ASP A 116 -10.81 -34.69 -18.35
CA ASP A 116 -12.17 -34.67 -17.84
C ASP A 116 -13.16 -34.06 -18.85
N GLY A 117 -12.61 -33.51 -19.94
CA GLY A 117 -13.40 -32.85 -20.99
C GLY A 117 -14.31 -31.74 -20.49
N LEU A 118 -13.76 -30.84 -19.66
CA LEU A 118 -14.55 -29.75 -19.10
C LEU A 118 -14.94 -28.77 -20.21
N GLU A 119 -16.05 -28.05 -20.01
CA GLU A 119 -16.48 -26.98 -20.91
C GLU A 119 -15.76 -25.65 -20.63
N ARG A 120 -15.34 -25.50 -19.37
CA ARG A 120 -14.82 -24.24 -18.84
C ARG A 120 -13.76 -24.54 -17.80
N ALA A 121 -12.66 -23.76 -17.81
CA ALA A 121 -11.59 -23.91 -16.83
C ALA A 121 -11.28 -22.50 -16.26
N ILE A 122 -11.26 -22.39 -14.94
CA ILE A 122 -11.05 -21.08 -14.26
C ILE A 122 -9.75 -21.22 -13.47
N ALA A 123 -8.78 -20.37 -13.79
CA ALA A 123 -7.50 -20.36 -13.10
C ALA A 123 -7.69 -19.41 -11.93
N PHE A 124 -7.86 -19.98 -10.74
CA PHE A 124 -8.28 -19.26 -9.56
C PHE A 124 -7.13 -19.18 -8.59
N THR A 125 -6.44 -18.03 -8.55
CA THR A 125 -5.30 -17.90 -7.66
C THR A 125 -5.78 -17.94 -6.21
N GLN A 126 -5.04 -18.66 -5.36
CA GLN A 126 -5.31 -18.64 -3.90
C GLN A 126 -4.47 -17.58 -3.17
N TYR A 127 -3.71 -16.78 -3.92
CA TYR A 127 -3.11 -15.59 -3.32
C TYR A 127 -4.04 -14.40 -3.55
N PRO A 128 -4.60 -13.79 -2.51
CA PRO A 128 -5.53 -12.69 -2.76
C PRO A 128 -4.89 -11.47 -3.41
N GLN A 129 -3.60 -11.27 -3.18
CA GLN A 129 -2.92 -10.05 -3.68
C GLN A 129 -1.93 -10.49 -4.78
N TYR A 130 -1.94 -9.80 -5.92
CA TYR A 130 -1.18 -10.29 -7.04
C TYR A 130 0.31 -9.88 -6.92
N SER A 131 1.20 -10.86 -7.05
CA SER A 131 2.63 -10.60 -7.31
C SER A 131 3.01 -11.39 -8.56
N CYS A 132 3.93 -10.83 -9.34
CA CYS A 132 4.50 -11.59 -10.45
C CYS A 132 5.16 -12.86 -10.01
N SER A 133 5.62 -12.88 -8.76
CA SER A 133 6.39 -14.03 -8.21
C SER A 133 5.48 -15.18 -7.78
N THR A 134 4.20 -14.87 -7.56
CA THR A 134 3.29 -15.85 -6.98
C THR A 134 2.25 -16.16 -8.03
N THR A 135 1.16 -15.40 -8.08
CA THR A 135 0.15 -15.58 -9.10
C THR A 135 0.75 -15.53 -10.52
N GLY A 136 1.69 -14.62 -10.75
CA GLY A 136 2.24 -14.43 -12.12
C GLY A 136 2.89 -15.75 -12.51
N SER A 137 3.71 -16.28 -11.62
CA SER A 137 4.39 -17.58 -11.90
C SER A 137 3.35 -18.66 -12.16
N SER A 138 2.36 -18.84 -11.28
CA SER A 138 1.29 -19.86 -11.51
C SER A 138 0.56 -19.69 -12.83
N LEU A 139 0.33 -18.44 -13.21
CA LEU A 139 -0.36 -18.21 -14.48
C LEU A 139 0.53 -18.48 -15.69
N ASN A 140 1.79 -18.07 -15.59
CA ASN A 140 2.76 -18.32 -16.65
C ASN A 140 2.93 -19.83 -16.84
N ALA A 141 2.75 -20.59 -15.76
CA ALA A 141 2.84 -22.07 -15.92
C ALA A 141 1.74 -22.63 -16.78
N ILE A 142 0.58 -21.96 -16.81
CA ILE A 142 -0.56 -22.47 -17.54
C ILE A 142 -0.28 -22.23 -19.02
N TYR A 143 0.15 -21.01 -19.33
CA TYR A 143 0.60 -20.75 -20.71
C TYR A 143 1.84 -21.62 -21.10
N ARG A 144 2.82 -21.76 -20.21
CA ARG A 144 4.07 -22.49 -20.53
C ARG A 144 3.79 -23.97 -20.80
N TYR A 145 2.75 -24.51 -20.17
CA TYR A 145 2.36 -25.90 -20.34
C TYR A 145 1.88 -26.16 -21.77
N TYR A 146 0.95 -25.35 -22.25
CA TYR A 146 0.46 -25.48 -23.62
C TYR A 146 1.55 -25.20 -24.65
N ASN A 147 2.39 -24.20 -24.38
CA ASN A 147 3.55 -23.96 -25.23
C ASN A 147 4.61 -25.09 -25.23
N GLN A 148 4.65 -25.83 -24.13
CA GLN A 148 5.57 -26.96 -23.96
C GLN A 148 5.04 -28.12 -24.77
N VAL A 149 3.77 -28.46 -24.57
CA VAL A 149 3.17 -29.60 -25.23
C VAL A 149 2.75 -29.27 -26.67
N GLY A 150 3.11 -28.07 -27.12
CA GLY A 150 2.88 -27.66 -28.51
C GLY A 150 1.47 -27.73 -29.05
N ARG A 151 0.48 -27.55 -28.18
CA ARG A 151 -0.92 -27.54 -28.63
C ARG A 151 -1.82 -26.62 -27.82
N LYS A 152 -3.08 -26.56 -28.22
CA LYS A 152 -4.01 -25.56 -27.70
C LYS A 152 -5.05 -26.16 -26.76
N PRO A 153 -5.50 -25.35 -25.79
CA PRO A 153 -6.55 -25.77 -24.86
C PRO A 153 -7.78 -26.35 -25.57
N THR A 154 -8.36 -27.41 -24.98
CA THR A 154 -9.62 -27.96 -25.42
C THR A 154 -10.75 -27.47 -24.53
N MET A 155 -10.43 -26.51 -23.66
CA MET A 155 -11.40 -25.92 -22.71
C MET A 155 -11.29 -24.40 -22.83
N LYS A 156 -12.39 -23.73 -22.52
CA LYS A 156 -12.53 -22.28 -22.43
C LYS A 156 -11.95 -21.76 -21.10
N TRP A 157 -10.85 -21.01 -21.17
CA TRP A 157 -10.15 -20.52 -19.96
C TRP A 157 -10.49 -19.07 -19.54
N SER A 158 -10.39 -18.84 -18.23
CA SER A 158 -10.44 -17.49 -17.69
C SER A 158 -9.70 -17.52 -16.36
N THR A 159 -9.50 -16.35 -15.77
CA THR A 159 -8.76 -16.31 -14.50
C THR A 159 -9.35 -15.32 -13.53
N ILE A 160 -9.35 -15.74 -12.25
CA ILE A 160 -9.62 -14.86 -11.15
C ILE A 160 -8.20 -14.67 -10.65
N ASP A 161 -7.58 -13.57 -11.10
CA ASP A 161 -6.12 -13.39 -10.87
C ASP A 161 -5.74 -12.54 -9.60
N ARG A 162 -6.73 -11.93 -8.97
CA ARG A 162 -6.53 -11.27 -7.68
C ARG A 162 -7.89 -10.96 -7.06
N TRP A 163 -7.86 -10.74 -5.74
CA TRP A 163 -9.10 -10.44 -4.98
C TRP A 163 -8.70 -9.85 -3.59
N PRO A 164 -7.88 -8.76 -3.59
CA PRO A 164 -7.27 -8.29 -2.33
C PRO A 164 -8.28 -7.64 -1.40
N THR A 165 -9.45 -7.29 -1.91
CA THR A 165 -10.44 -6.60 -1.04
C THR A 165 -11.85 -7.28 -1.03
N HIS A 166 -11.91 -8.51 -1.47
CA HIS A 166 -13.22 -9.25 -1.45
C HIS A 166 -13.87 -9.21 -0.08
N HIS A 167 -15.17 -8.88 -0.03
CA HIS A 167 -15.76 -8.55 1.27
C HIS A 167 -15.73 -9.70 2.27
N LEU A 168 -15.84 -10.93 1.79
CA LEU A 168 -15.90 -12.08 2.69
C LEU A 168 -14.49 -12.38 3.15
N LEU A 169 -13.52 -12.16 2.27
CA LEU A 169 -12.12 -12.31 2.75
C LEU A 169 -11.83 -11.38 3.93
N ILE A 170 -12.19 -10.11 3.75
CA ILE A 170 -12.00 -9.05 4.76
C ILE A 170 -12.75 -9.44 6.04
N GLN A 171 -14.00 -9.92 5.87
CA GLN A 171 -14.73 -10.43 7.05
C GLN A 171 -14.05 -11.56 7.79
N CYS A 172 -13.46 -12.51 7.06
CA CYS A 172 -12.70 -13.55 7.73
C CYS A 172 -11.53 -13.01 8.53
N PHE A 173 -10.72 -12.14 7.90
CA PHE A 173 -9.58 -11.56 8.65
C PHE A 173 -10.05 -10.84 9.90
N ALA A 174 -11.10 -10.04 9.78
CA ALA A 174 -11.57 -9.25 10.90
C ALA A 174 -12.07 -10.19 12.01
N ASP A 175 -12.81 -11.23 11.63
CA ASP A 175 -13.23 -12.28 12.61
C ASP A 175 -12.05 -12.94 13.36
N HIS A 176 -11.05 -13.41 12.62
CA HIS A 176 -9.89 -14.05 13.22
C HIS A 176 -9.10 -13.06 14.11
N ILE A 177 -9.06 -11.78 13.75
CA ILE A 177 -8.37 -10.77 14.59
C ILE A 177 -9.11 -10.61 15.93
N LEU A 178 -10.43 -10.47 15.84
CA LEU A 178 -11.24 -10.28 17.05
C LEU A 178 -11.11 -11.49 17.99
N LYS A 179 -11.19 -12.67 17.42
CA LYS A 179 -11.04 -13.92 18.16
C LYS A 179 -9.72 -13.97 18.89
N GLU A 180 -8.66 -13.52 18.22
CA GLU A 180 -7.35 -13.56 18.82
C GLU A 180 -7.15 -12.46 19.88
N LEU A 181 -7.72 -11.28 19.63
CA LEU A 181 -7.73 -10.17 20.60
C LEU A 181 -8.32 -10.63 21.94
N ASP A 182 -9.35 -11.45 21.87
CA ASP A 182 -9.98 -12.04 23.09
C ASP A 182 -9.06 -12.83 23.97
N HIS A 183 -7.95 -13.31 23.42
CA HIS A 183 -6.98 -14.03 24.22
C HIS A 183 -6.05 -13.09 25.00
N PHE A 184 -6.03 -11.79 24.70
CA PHE A 184 -5.26 -10.84 25.53
C PHE A 184 -6.13 -10.38 26.72
N PRO A 185 -5.50 -10.03 27.87
CA PRO A 185 -6.30 -9.63 29.04
C PRO A 185 -7.15 -8.42 28.66
N LEU A 186 -8.42 -8.39 29.05
CA LEU A 186 -9.30 -7.28 28.67
C LEU A 186 -8.74 -5.90 29.03
N GLU A 187 -7.96 -5.80 30.11
CA GLU A 187 -7.37 -4.52 30.53
C GLU A 187 -6.33 -4.02 29.53
N LYS A 188 -5.78 -4.96 28.75
CA LYS A 188 -4.71 -4.68 27.78
C LYS A 188 -5.17 -4.61 26.31
N ARG A 189 -6.34 -5.17 26.05
CA ARG A 189 -6.84 -5.36 24.68
C ARG A 189 -6.69 -4.13 23.76
N SER A 190 -7.07 -2.95 24.25
CA SER A 190 -7.06 -1.73 23.42
C SER A 190 -5.66 -1.21 23.09
N GLU A 191 -4.65 -1.69 23.82
CA GLU A 191 -3.23 -1.37 23.65
C GLU A 191 -2.48 -2.31 22.69
N VAL A 192 -3.12 -3.42 22.32
CA VAL A 192 -2.43 -4.45 21.53
C VAL A 192 -2.16 -3.83 20.15
N VAL A 193 -0.95 -4.02 19.61
CA VAL A 193 -0.56 -3.56 18.26
C VAL A 193 -0.92 -4.69 17.32
N ILE A 194 -1.65 -4.35 16.27
CA ILE A 194 -1.89 -5.33 15.21
C ILE A 194 -0.82 -5.14 14.19
N LEU A 195 -0.01 -6.19 14.03
CA LEU A 195 1.11 -6.12 13.11
C LEU A 195 0.76 -7.02 11.96
N PHE A 196 0.29 -6.43 10.86
CA PHE A 196 0.03 -7.25 9.66
C PHE A 196 1.38 -7.64 9.06
N SER A 197 1.60 -8.92 8.79
CA SER A 197 2.89 -9.39 8.31
C SER A 197 2.66 -10.13 7.01
N ALA A 198 3.21 -9.59 5.92
CA ALA A 198 3.13 -10.22 4.60
C ALA A 198 4.53 -10.64 4.22
N HIS A 199 4.66 -11.69 3.43
CA HIS A 199 6.01 -12.01 2.94
C HIS A 199 6.56 -10.84 2.11
N SER A 200 7.83 -10.49 2.36
CA SER A 200 8.47 -9.44 1.60
C SER A 200 8.75 -9.77 0.14
N LEU A 201 9.12 -8.74 -0.62
CA LEU A 201 9.70 -8.87 -1.96
C LEU A 201 11.11 -8.21 -1.95
N PRO A 202 12.02 -8.74 -2.79
CA PRO A 202 13.28 -8.05 -3.02
C PRO A 202 12.98 -6.64 -3.56
N MET A 203 13.75 -5.66 -3.13
CA MET A 203 13.62 -4.30 -3.70
C MET A 203 13.74 -4.26 -5.20
N SER A 204 14.50 -5.17 -5.82
CA SER A 204 14.60 -5.16 -7.26
C SER A 204 13.24 -5.48 -7.92
N VAL A 205 12.42 -6.24 -7.20
CA VAL A 205 11.12 -6.67 -7.75
C VAL A 205 10.09 -5.55 -7.47
N VAL A 206 10.14 -5.02 -6.25
CA VAL A 206 9.30 -3.82 -5.87
C VAL A 206 9.59 -2.72 -6.92
N ASN A 207 10.89 -2.42 -7.15
CA ASN A 207 11.23 -1.30 -8.05
C ASN A 207 10.91 -1.49 -9.52
N ARG A 208 10.62 -2.72 -9.92
CA ARG A 208 10.25 -2.95 -11.30
C ARG A 208 8.74 -2.81 -11.58
N GLY A 209 7.96 -2.65 -10.51
CA GLY A 209 6.53 -2.40 -10.62
C GLY A 209 5.58 -3.46 -10.09
N ASP A 210 6.09 -4.37 -9.27
CA ASP A 210 5.25 -5.48 -8.85
C ASP A 210 4.02 -4.90 -8.12
N PRO A 211 2.82 -5.37 -8.49
CA PRO A 211 1.55 -4.82 -7.89
C PRO A 211 1.33 -5.19 -6.41
N TYR A 212 2.07 -6.15 -5.90
CA TYR A 212 1.76 -6.77 -4.56
C TYR A 212 1.73 -5.81 -3.35
N PRO A 213 2.79 -5.00 -3.09
CA PRO A 213 2.77 -4.13 -1.90
C PRO A 213 1.50 -3.23 -1.84
N GLN A 214 1.07 -2.70 -2.98
CA GLN A 214 -0.09 -1.77 -3.01
C GLN A 214 -1.35 -2.58 -2.73
N GLU A 215 -1.40 -3.80 -3.25
CA GLU A 215 -2.65 -4.63 -3.06
C GLU A 215 -2.73 -5.15 -1.63
N VAL A 216 -1.59 -5.55 -1.08
CA VAL A 216 -1.55 -5.98 0.34
C VAL A 216 -1.98 -4.84 1.27
N SER A 217 -1.47 -3.64 0.96
CA SER A 217 -1.84 -2.42 1.68
C SER A 217 -3.35 -2.17 1.67
N ALA A 218 -3.96 -2.41 0.53
CA ALA A 218 -5.44 -2.32 0.39
C ALA A 218 -6.19 -3.34 1.28
N THR A 219 -5.74 -4.57 1.32
CA THR A 219 -6.31 -5.58 2.20
C THR A 219 -6.27 -5.10 3.62
N VAL A 220 -5.09 -4.58 4.04
CA VAL A 220 -4.94 -4.06 5.39
C VAL A 220 -5.96 -2.95 5.72
N GLN A 221 -6.14 -2.03 4.79
CA GLN A 221 -7.00 -0.85 5.12
C GLN A 221 -8.44 -1.37 5.24
N LYS A 222 -8.83 -2.25 4.35
CA LYS A 222 -10.23 -2.77 4.40
C LYS A 222 -10.52 -3.53 5.70
N VAL A 223 -9.54 -4.32 6.15
CA VAL A 223 -9.62 -4.99 7.45
C VAL A 223 -9.76 -4.01 8.59
N MET A 224 -8.91 -2.97 8.60
CA MET A 224 -8.91 -2.01 9.71
C MET A 224 -10.23 -1.19 9.71
N GLU A 225 -10.73 -0.90 8.51
CA GLU A 225 -12.05 -0.24 8.32
C GLU A 225 -13.17 -1.06 8.94
N ARG A 226 -13.17 -2.35 8.64
CA ARG A 226 -14.20 -3.28 9.17
C ARG A 226 -14.07 -3.34 10.70
N LEU A 227 -12.83 -3.34 11.20
CA LEU A 227 -12.55 -3.34 12.66
C LEU A 227 -12.81 -2.00 13.34
N GLU A 228 -13.23 -1.00 12.58
CA GLU A 228 -13.46 0.38 13.08
C GLU A 228 -12.26 0.95 13.78
N TYR A 229 -11.08 0.63 13.24
CA TYR A 229 -9.80 1.16 13.74
C TYR A 229 -9.69 1.00 15.26
N CYS A 230 -10.06 -0.18 15.75
CA CYS A 230 -10.19 -0.42 17.20
C CYS A 230 -8.84 -0.49 17.92
N ASN A 231 -7.79 -0.87 17.16
CA ASN A 231 -6.41 -0.96 17.63
C ASN A 231 -5.45 -0.30 16.64
N PRO A 232 -4.27 0.13 17.11
CA PRO A 232 -3.29 0.71 16.22
C PRO A 232 -2.62 -0.43 15.43
N TYR A 233 -2.12 -0.10 14.25
CA TYR A 233 -1.52 -1.13 13.35
C TYR A 233 -0.26 -0.65 12.60
N ARG A 234 0.52 -1.60 12.09
CA ARG A 234 1.49 -1.33 11.02
C ARG A 234 1.48 -2.55 10.08
N LEU A 235 1.71 -2.30 8.81
CA LEU A 235 2.01 -3.39 7.84
C LEU A 235 3.54 -3.55 7.77
N VAL A 236 4.06 -4.76 8.10
CA VAL A 236 5.51 -5.01 8.06
C VAL A 236 5.67 -6.27 7.23
N TRP A 237 6.92 -6.69 6.97
CA TRP A 237 7.13 -7.65 5.92
C TRP A 237 8.10 -8.71 6.39
N GLN A 238 7.70 -9.98 6.24
N GLN A 238 7.75 -9.97 6.18
CA GLN A 238 8.42 -11.10 6.89
CA GLN A 238 8.61 -11.10 6.58
C GLN A 238 9.25 -11.98 5.98
C GLN A 238 9.96 -10.92 5.94
N SER A 239 10.00 -12.86 6.65
N SER A 239 10.85 -10.41 6.79
CA SER A 239 10.76 -13.97 6.04
CA SER A 239 12.23 -10.09 6.53
C SER A 239 11.77 -13.63 4.92
C SER A 239 12.61 -10.39 5.13
N LYS A 240 12.21 -12.37 4.83
N LYS A 240 12.54 -11.65 4.77
CA LYS A 240 13.13 -11.97 3.73
CA LYS A 240 13.14 -11.98 3.52
C LYS A 240 14.36 -12.89 3.64
C LYS A 240 14.13 -13.11 3.63
N VAL A 241 14.62 -13.48 2.47
CA VAL A 241 15.72 -14.44 2.35
C VAL A 241 17.04 -13.83 1.73
N GLY A 242 18.16 -13.97 2.44
CA GLY A 242 19.47 -13.53 1.91
C GLY A 242 19.92 -12.10 2.18
N PRO A 243 21.02 -11.66 1.53
CA PRO A 243 21.77 -10.44 1.84
C PRO A 243 21.28 -9.14 1.15
N MET A 244 20.64 -9.29 -0.01
CA MET A 244 20.16 -8.21 -0.88
C MET A 244 19.04 -7.42 -0.19
N PRO A 245 18.77 -6.18 -0.67
CA PRO A 245 17.72 -5.40 -0.01
C PRO A 245 16.31 -5.90 -0.34
N TRP A 246 15.50 -6.04 0.72
CA TRP A 246 14.11 -6.46 0.56
C TRP A 246 13.24 -5.36 1.19
N LEU A 247 11.96 -5.38 0.86
CA LEU A 247 11.07 -4.31 1.34
C LEU A 247 10.87 -4.51 2.84
N GLY A 248 11.06 -3.43 3.61
CA GLY A 248 10.86 -3.42 5.08
C GLY A 248 9.71 -2.47 5.49
N PRO A 249 9.50 -2.27 6.81
CA PRO A 249 10.31 -2.81 7.88
C PRO A 249 10.15 -4.32 7.98
N GLN A 250 11.17 -4.98 8.50
CA GLN A 250 11.14 -6.42 8.61
C GLN A 250 10.36 -6.76 9.87
N THR A 251 9.56 -7.84 9.82
CA THR A 251 8.76 -8.29 10.96
C THR A 251 9.57 -8.49 12.24
N ASP A 252 10.66 -9.24 12.17
CA ASP A 252 11.51 -9.46 13.38
C ASP A 252 11.96 -8.14 13.98
N GLU A 253 12.59 -7.31 13.17
CA GLU A 253 13.14 -6.02 13.63
C GLU A 253 12.06 -5.10 14.20
N SER A 254 10.85 -5.18 13.62
CA SER A 254 9.72 -4.34 14.08
C SER A 254 9.18 -4.84 15.39
N ILE A 255 9.18 -6.17 15.61
CA ILE A 255 8.75 -6.72 16.89
C ILE A 255 9.74 -6.23 17.98
N LYS A 256 11.03 -6.34 17.69
CA LYS A 256 12.08 -5.88 18.61
C LYS A 256 11.94 -4.39 18.91
N GLY A 257 11.78 -3.60 17.84
CA GLY A 257 11.69 -2.15 18.02
C GLY A 257 10.46 -1.73 18.81
N LEU A 258 9.32 -2.34 18.49
CA LEU A 258 8.11 -2.06 19.26
C LEU A 258 8.23 -2.38 20.73
N CYS A 259 8.79 -3.54 21.06
CA CYS A 259 8.98 -3.87 22.47
CA CYS A 259 8.99 -3.88 22.48
C CYS A 259 9.95 -2.89 23.14
N GLU A 260 11.02 -2.53 22.43
CA GLU A 260 12.03 -1.58 22.99
C GLU A 260 11.44 -0.19 23.21
N ARG A 261 10.31 0.06 22.56
CA ARG A 261 9.65 1.34 22.62
C ARG A 261 8.35 1.26 23.42
N GLY A 262 8.22 0.24 24.25
CA GLY A 262 7.18 0.17 25.26
C GLY A 262 5.93 -0.60 24.88
N ARG A 263 5.89 -1.14 23.65
CA ARG A 263 4.73 -1.92 23.19
C ARG A 263 4.87 -3.38 23.54
N LYS A 264 4.14 -3.81 24.56
CA LYS A 264 4.40 -5.14 25.15
C LYS A 264 3.45 -6.23 24.69
N ASN A 265 2.43 -5.85 23.93
CA ASN A 265 1.39 -6.78 23.47
C ASN A 265 1.27 -6.66 21.95
N ILE A 266 1.52 -7.74 21.23
CA ILE A 266 1.56 -7.65 19.75
C ILE A 266 0.76 -8.80 19.14
N LEU A 267 -0.07 -8.49 18.13
CA LEU A 267 -0.86 -9.50 17.45
C LEU A 267 -0.39 -9.54 16.01
N LEU A 268 0.21 -10.67 15.62
CA LEU A 268 0.71 -10.85 14.25
C LEU A 268 -0.43 -11.35 13.38
N VAL A 269 -0.61 -10.72 12.22
CA VAL A 269 -1.65 -11.15 11.30
C VAL A 269 -1.08 -11.58 9.93
N PRO A 270 -1.22 -12.89 9.58
CA PRO A 270 -0.76 -13.32 8.23
C PRO A 270 -1.70 -12.83 7.12
N ILE A 271 -1.45 -11.64 6.62
CA ILE A 271 -2.43 -10.96 5.76
C ILE A 271 -2.36 -11.37 4.28
N ALA A 272 -1.31 -12.11 3.87
CA ALA A 272 -1.05 -12.35 2.40
C ALA A 272 -0.77 -13.81 2.09
N PHE A 273 -0.95 -14.69 3.07
CA PHE A 273 -0.79 -16.12 2.77
C PHE A 273 -1.67 -16.87 3.73
N THR A 274 -2.61 -17.65 3.18
CA THR A 274 -3.84 -18.02 3.93
C THR A 274 -3.71 -19.35 4.64
N SER A 275 -2.54 -19.96 4.55
CA SER A 275 -2.30 -21.25 5.18
C SER A 275 -1.21 -21.07 6.17
N ASP A 276 -1.15 -21.97 7.15
CA ASP A 276 -0.02 -22.02 8.07
C ASP A 276 1.29 -22.08 7.31
N HIS A 277 2.30 -21.33 7.78
CA HIS A 277 3.57 -21.25 7.09
C HIS A 277 4.69 -21.02 8.12
N ILE A 278 5.93 -20.89 7.67
CA ILE A 278 7.03 -20.75 8.61
C ILE A 278 6.92 -19.47 9.41
N GLU A 279 7.21 -19.57 10.71
CA GLU A 279 7.00 -18.48 11.64
C GLU A 279 8.23 -17.60 11.80
N THR A 280 8.12 -16.57 12.62
CA THR A 280 9.21 -15.59 12.71
C THR A 280 10.19 -15.92 13.86
N LEU A 281 11.30 -15.20 13.88
CA LEU A 281 12.35 -15.44 14.85
C LEU A 281 11.86 -15.36 16.30
N TYR A 282 11.02 -14.37 16.62
CA TYR A 282 10.56 -14.18 18.01
C TYR A 282 9.50 -15.18 18.42
N GLU A 283 8.87 -15.80 17.42
CA GLU A 283 7.99 -16.94 17.63
C GLU A 283 8.71 -18.27 17.80
N LEU A 284 9.86 -18.45 17.13
CA LEU A 284 10.51 -19.75 17.08
C LEU A 284 11.74 -19.91 18.00
N ASP A 285 12.40 -18.81 18.33
CA ASP A 285 13.71 -18.92 18.96
C ASP A 285 13.65 -18.53 20.44
N ILE A 286 13.93 -19.52 21.30
CA ILE A 286 13.76 -19.39 22.74
C ILE A 286 14.78 -18.42 23.30
N GLU A 287 15.99 -18.48 22.75
CA GLU A 287 17.08 -17.61 23.19
C GLU A 287 16.67 -16.14 22.96
N TYR A 288 16.20 -15.86 21.74
CA TYR A 288 15.76 -14.52 21.34
C TYR A 288 14.57 -13.98 22.12
N SER A 289 13.54 -14.82 22.23
CA SER A 289 12.32 -14.43 22.93
C SER A 289 12.62 -14.12 24.41
N GLN A 290 13.61 -14.82 24.96
CA GLN A 290 14.05 -14.56 26.34
C GLN A 290 14.77 -13.22 26.50
N VAL A 291 15.76 -12.97 25.63
CA VAL A 291 16.46 -11.68 25.58
C VAL A 291 15.48 -10.50 25.53
N LEU A 292 14.51 -10.59 24.62
CA LEU A 292 13.46 -9.58 24.46
C LEU A 292 12.61 -9.31 25.72
N ALA A 293 12.05 -10.36 26.32
CA ALA A 293 11.26 -10.24 27.55
C ALA A 293 12.07 -9.69 28.74
N LYS A 294 13.37 -9.94 28.73
CA LYS A 294 14.24 -9.47 29.80
C LYS A 294 14.61 -8.00 29.60
N GLU A 295 15.09 -7.67 28.39
CA GLU A 295 15.53 -6.30 28.08
C GLU A 295 14.39 -5.27 28.07
N CYS A 296 13.23 -5.63 27.49
CA CYS A 296 12.10 -4.68 27.43
C CYS A 296 10.72 -5.23 27.87
N GLY A 297 10.74 -6.42 28.47
CA GLY A 297 9.57 -6.95 29.14
C GLY A 297 8.34 -7.16 28.28
N VAL A 298 8.52 -7.80 27.12
CA VAL A 298 7.39 -8.17 26.25
C VAL A 298 6.43 -9.12 27.01
N GLU A 299 5.12 -8.89 26.87
CA GLU A 299 4.10 -9.57 27.66
C GLU A 299 3.34 -10.66 26.89
N ASN A 300 3.01 -10.38 25.63
CA ASN A 300 2.24 -11.33 24.80
C ASN A 300 2.52 -11.05 23.33
N ILE A 301 3.05 -12.03 22.61
CA ILE A 301 3.05 -12.00 21.14
C ILE A 301 2.25 -13.20 20.69
N ARG A 302 1.15 -12.93 19.98
CA ARG A 302 0.23 -13.96 19.51
C ARG A 302 0.13 -13.81 17.99
N ARG A 303 -0.30 -14.86 17.31
CA ARG A 303 -0.51 -14.83 15.86
C ARG A 303 -1.95 -15.29 15.57
N ALA A 304 -2.71 -14.48 14.81
CA ALA A 304 -4.07 -14.84 14.38
C ALA A 304 -4.08 -16.15 13.58
N GLU A 305 -5.20 -16.86 13.67
CA GLU A 305 -5.30 -18.18 13.03
C GLU A 305 -5.35 -17.96 11.52
N SER A 306 -4.75 -18.87 10.76
CA SER A 306 -4.76 -18.86 9.28
C SER A 306 -6.20 -19.10 8.78
N LEU A 307 -6.57 -18.48 7.66
CA LEU A 307 -7.95 -18.49 7.15
C LEU A 307 -8.36 -19.84 6.61
N ASN A 308 -7.59 -20.31 5.60
CA ASN A 308 -7.83 -21.61 4.93
C ASN A 308 -8.22 -22.56 6.11
N GLY A 309 -9.51 -22.98 6.13
CA GLY A 309 -10.18 -23.55 7.36
C GLY A 309 -11.68 -23.22 7.60
N ASN A 310 -11.93 -22.01 8.08
CA ASN A 310 -13.24 -21.32 8.24
C ASN A 310 -14.24 -21.46 7.03
N PRO A 311 -15.51 -21.86 7.30
CA PRO A 311 -16.47 -22.02 6.20
C PRO A 311 -16.89 -20.72 5.50
N LEU A 312 -16.70 -19.57 6.17
CA LEU A 312 -16.96 -18.28 5.53
C LEU A 312 -15.86 -18.07 4.51
N PHE A 313 -14.71 -18.71 4.75
CA PHE A 313 -13.67 -18.73 3.73
C PHE A 313 -14.13 -19.51 2.48
N SER A 314 -14.69 -20.71 2.65
CA SER A 314 -15.26 -21.47 1.51
C SER A 314 -16.32 -20.66 0.84
N LYS A 315 -17.12 -19.99 1.66
CA LYS A 315 -18.15 -19.11 1.17
C LYS A 315 -17.53 -17.95 0.39
N ALA A 316 -16.40 -17.41 0.86
CA ALA A 316 -15.68 -16.41 0.05
C ALA A 316 -15.29 -16.93 -1.32
N LEU A 317 -14.75 -18.14 -1.37
CA LEU A 317 -14.17 -18.69 -2.61
C LEU A 317 -15.28 -18.89 -3.65
N ALA A 318 -16.40 -19.44 -3.17
CA ALA A 318 -17.56 -19.67 -4.03
C ALA A 318 -18.19 -18.38 -4.56
N ASP A 319 -18.31 -17.37 -3.71
CA ASP A 319 -18.79 -16.05 -4.07
C ASP A 319 -17.91 -15.47 -5.18
N LEU A 320 -16.59 -15.64 -5.05
CA LEU A 320 -15.66 -15.16 -6.11
C LEU A 320 -15.89 -15.79 -7.44
N VAL A 321 -16.01 -17.13 -7.45
CA VAL A 321 -16.13 -17.90 -8.69
C VAL A 321 -17.50 -17.59 -9.29
N HIS A 322 -18.53 -17.56 -8.44
CA HIS A 322 -19.87 -17.19 -8.93
C HIS A 322 -19.91 -15.80 -9.57
N SER A 323 -19.40 -14.78 -8.88
CA SER A 323 -19.29 -13.43 -9.47
C SER A 323 -18.47 -13.43 -10.75
N HIS A 324 -17.37 -14.18 -10.75
CA HIS A 324 -16.55 -14.28 -11.95
C HIS A 324 -17.39 -14.81 -13.12
N ILE A 325 -18.16 -15.86 -12.86
CA ILE A 325 -18.99 -16.46 -13.89
C ILE A 325 -20.06 -15.49 -14.37
N GLN A 326 -20.77 -14.86 -13.45
CA GLN A 326 -21.82 -13.93 -13.84
C GLN A 326 -21.25 -12.80 -14.71
N SER A 327 -20.02 -12.37 -14.40
CA SER A 327 -19.39 -11.21 -15.05
C SER A 327 -18.95 -11.46 -16.49
N ASN A 328 -18.78 -12.72 -16.88
CA ASN A 328 -18.20 -13.08 -18.19
CA ASN A 328 -18.18 -13.13 -18.17
C ASN A 328 -16.77 -12.56 -18.42
N GLU A 329 -16.10 -12.07 -17.38
CA GLU A 329 -14.73 -11.52 -17.54
C GLU A 329 -13.74 -12.66 -17.78
N LEU A 330 -12.69 -12.38 -18.54
CA LEU A 330 -11.63 -13.36 -18.79
C LEU A 330 -10.46 -13.18 -17.81
N CYS A 331 -10.37 -11.98 -17.23
CA CYS A 331 -9.30 -11.67 -16.26
C CYS A 331 -9.55 -10.27 -15.75
N SER A 332 -8.81 -9.87 -14.70
CA SER A 332 -8.92 -8.48 -14.21
C SER A 332 -8.38 -7.49 -15.22
N LYS A 333 -8.83 -6.24 -15.12
CA LYS A 333 -8.24 -5.18 -15.91
C LYS A 333 -6.76 -5.08 -15.58
N GLN A 334 -6.41 -5.24 -14.29
CA GLN A 334 -4.97 -5.15 -13.90
C GLN A 334 -4.03 -6.11 -14.64
N LEU A 335 -4.53 -7.31 -15.00
CA LEU A 335 -3.65 -8.33 -15.61
C LEU A 335 -3.22 -7.85 -17.01
N THR A 336 -4.03 -6.97 -17.58
CA THR A 336 -3.76 -6.47 -18.94
C THR A 336 -2.58 -5.48 -19.02
N LEU A 337 -2.04 -5.09 -17.83
CA LEU A 337 -0.91 -4.18 -17.78
C LEU A 337 0.29 -4.85 -17.14
N SER A 338 1.39 -4.98 -17.88
CA SER A 338 2.54 -5.61 -17.27
C SER A 338 3.34 -4.60 -16.44
N CYS A 339 4.25 -5.10 -15.62
CA CYS A 339 5.07 -4.23 -14.76
C CYS A 339 5.75 -3.26 -15.68
N PRO A 340 5.82 -1.96 -15.31
CA PRO A 340 6.53 -0.96 -16.13
C PRO A 340 7.96 -1.37 -16.51
N LEU A 341 8.64 -2.15 -15.67
CA LEU A 341 10.00 -2.63 -15.99
C LEU A 341 10.09 -4.17 -16.10
N CYS A 342 8.98 -4.83 -16.46
CA CYS A 342 9.00 -6.29 -16.67
C CYS A 342 10.12 -6.66 -17.67
N VAL A 343 10.96 -7.61 -17.32
CA VAL A 343 11.97 -8.12 -18.31
C VAL A 343 11.76 -9.59 -18.65
N ASN A 344 10.56 -10.08 -18.36
CA ASN A 344 10.22 -11.45 -18.64
C ASN A 344 9.25 -11.57 -19.83
N PRO A 345 9.74 -12.05 -21.02
CA PRO A 345 8.87 -12.11 -22.20
C PRO A 345 7.64 -13.01 -22.07
N VAL A 346 7.65 -13.93 -21.13
CA VAL A 346 6.52 -14.83 -20.99
C VAL A 346 5.31 -14.07 -20.44
N CYS A 347 5.56 -13.04 -19.62
CA CYS A 347 4.42 -12.30 -18.99
C CYS A 347 3.37 -11.80 -19.97
N ARG A 348 3.80 -11.11 -21.04
CA ARG A 348 2.93 -10.70 -22.13
C ARG A 348 2.23 -11.86 -22.85
N GLU A 349 2.96 -12.97 -23.07
CA GLU A 349 2.34 -14.14 -23.67
C GLU A 349 1.19 -14.64 -22.81
N THR A 350 1.42 -14.65 -21.50
CA THR A 350 0.40 -15.20 -20.63
C THR A 350 -0.84 -14.33 -20.61
N LYS A 351 -0.60 -13.02 -20.54
CA LYS A 351 -1.64 -12.04 -20.63
C LYS A 351 -2.50 -12.28 -21.86
N SER A 352 -1.86 -12.39 -23.03
CA SER A 352 -2.56 -12.65 -24.32
C SER A 352 -3.36 -13.95 -24.35
N PHE A 353 -2.78 -14.98 -23.73
CA PHE A 353 -3.45 -16.27 -23.53
C PHE A 353 -4.85 -16.06 -22.94
N PHE A 354 -4.92 -15.35 -21.80
CA PHE A 354 -6.22 -15.12 -21.17
C PHE A 354 -7.13 -14.16 -21.87
N THR A 355 -6.60 -13.03 -22.34
CA THR A 355 -7.46 -11.99 -22.92
C THR A 355 -7.99 -12.45 -24.27
N SER A 356 -7.29 -13.40 -24.92
CA SER A 356 -7.68 -13.88 -26.27
C SER A 356 -8.61 -15.11 -26.28
N GLN A 357 -9.02 -15.56 -25.09
CA GLN A 357 -9.70 -16.87 -24.97
C GLN A 357 -11.07 -16.81 -25.59
N GLN A 358 -11.51 -17.90 -26.21
CA GLN A 358 -12.87 -17.94 -26.74
C GLN A 358 -13.90 -17.66 -25.67
N LEU A 359 -14.86 -16.82 -26.03
CA LEU A 359 -16.01 -16.32 -25.19
C LEU A 359 -15.85 -14.94 -24.53
N ARG B 1 -19.04 38.02 16.17
CA ARG B 1 -18.41 37.36 17.35
C ARG B 1 -16.91 37.14 17.15
N LYS B 2 -16.13 37.15 18.24
CA LYS B 2 -14.78 36.62 18.17
C LYS B 2 -14.88 35.15 17.71
N PRO B 3 -13.85 34.65 17.01
CA PRO B 3 -13.87 33.25 16.58
C PRO B 3 -13.90 32.28 17.77
N LYS B 4 -14.66 31.20 17.67
CA LYS B 4 -14.75 30.20 18.75
C LYS B 4 -13.81 29.03 18.47
N THR B 5 -13.80 28.55 17.21
CA THR B 5 -13.08 27.32 16.82
C THR B 5 -12.07 27.58 15.69
N GLY B 6 -10.78 27.37 15.96
CA GLY B 6 -9.69 27.62 15.02
C GLY B 6 -9.32 26.31 14.32
N ILE B 7 -9.22 26.35 12.98
CA ILE B 7 -8.84 25.17 12.16
C ILE B 7 -7.47 25.48 11.57
N LEU B 8 -6.42 24.90 12.15
CA LEU B 8 -5.07 25.15 11.70
C LEU B 8 -4.73 24.18 10.52
N MET B 9 -4.58 24.74 9.32
CA MET B 9 -4.40 23.91 8.11
C MET B 9 -2.92 23.74 7.89
N LEU B 10 -2.45 22.49 8.05
CA LEU B 10 -1.02 22.29 8.12
C LEU B 10 -0.53 21.75 6.81
N ASN B 11 0.58 22.29 6.32
CA ASN B 11 1.24 21.82 5.09
C ASN B 11 2.65 22.36 5.13
N MET B 12 3.49 21.92 4.20
CA MET B 12 4.91 22.33 4.21
C MET B 12 5.00 23.75 3.66
N GLY B 13 3.97 24.15 2.91
CA GLY B 13 4.04 25.41 2.12
C GLY B 13 4.89 25.27 0.88
N GLY B 14 5.23 26.41 0.28
CA GLY B 14 5.96 26.46 -0.96
C GLY B 14 6.37 27.90 -1.16
N PRO B 15 7.49 28.13 -1.87
CA PRO B 15 7.90 29.50 -2.19
C PRO B 15 6.91 30.17 -3.15
N GLU B 16 6.36 31.30 -2.72
CA GLU B 16 5.38 32.05 -3.49
C GLU B 16 5.97 32.63 -4.79
N THR B 17 7.24 33.03 -4.72
CA THR B 17 7.97 33.50 -5.90
C THR B 17 9.36 32.94 -5.79
N LEU B 18 10.15 33.09 -6.85
CA LEU B 18 11.47 32.48 -6.94
C LEU B 18 12.40 33.07 -5.92
N GLY B 19 12.09 34.32 -5.50
CA GLY B 19 12.81 34.98 -4.42
C GLY B 19 12.66 34.27 -3.08
N ASP B 20 11.54 33.56 -2.90
CA ASP B 20 11.25 32.81 -1.65
C ASP B 20 11.90 31.40 -1.53
N VAL B 21 12.55 30.94 -2.59
CA VAL B 21 13.18 29.60 -2.61
C VAL B 21 14.28 29.34 -1.56
N HIS B 22 15.27 30.25 -1.44
CA HIS B 22 16.37 30.05 -0.49
C HIS B 22 15.90 29.78 0.93
N ASP B 23 14.98 30.60 1.44
CA ASP B 23 14.60 30.51 2.83
C ASP B 23 13.68 29.28 3.05
N PHE B 24 12.92 28.95 2.01
CA PHE B 24 12.12 27.71 1.99
C PHE B 24 13.03 26.50 2.18
N LEU B 25 14.08 26.41 1.37
CA LEU B 25 15.07 25.35 1.46
C LEU B 25 15.83 25.36 2.79
N LEU B 26 16.21 26.56 3.23
CA LEU B 26 16.86 26.68 4.52
C LEU B 26 16.07 26.03 5.66
N ARG B 27 14.79 26.42 5.80
CA ARG B 27 13.97 25.89 6.86
C ARG B 27 13.72 24.40 6.72
N LEU B 28 13.71 23.91 5.49
CA LEU B 28 13.52 22.47 5.20
C LEU B 28 14.73 21.63 5.61
N PHE B 29 15.94 22.08 5.23
CA PHE B 29 17.17 21.37 5.59
C PHE B 29 17.54 21.45 7.08
N LEU B 30 16.93 22.42 7.79
CA LEU B 30 17.05 22.58 9.24
C LEU B 30 16.07 21.73 10.06
N ASP B 31 15.06 21.15 9.38
CA ASP B 31 14.02 20.40 10.07
C ASP B 31 14.50 19.04 10.54
N ARG B 32 14.79 18.91 11.84
CA ARG B 32 15.26 17.62 12.34
C ARG B 32 14.18 16.52 12.40
N ASP B 33 12.92 16.90 12.33
CA ASP B 33 11.81 15.95 12.13
C ASP B 33 11.73 15.37 10.72
N LEU B 34 12.41 15.99 9.77
CA LEU B 34 12.43 15.51 8.42
C LEU B 34 13.68 14.69 8.18
N MET B 35 14.82 15.25 8.55
CA MET B 35 16.08 14.57 8.32
C MET B 35 17.04 14.99 9.39
N THR B 36 17.99 14.12 9.69
CA THR B 36 19.06 14.47 10.60
C THR B 36 20.40 14.41 9.85
N LEU B 37 21.19 15.48 9.99
CA LEU B 37 22.47 15.62 9.31
C LEU B 37 23.53 15.87 10.37
N PRO B 38 24.80 15.49 10.09
CA PRO B 38 25.86 15.97 11.02
C PRO B 38 26.15 17.45 10.78
N ILE B 39 26.60 18.16 11.81
CA ILE B 39 26.70 19.63 11.79
C ILE B 39 25.57 20.30 11.01
N GLN B 40 24.34 19.93 11.38
CA GLN B 40 23.13 20.35 10.67
C GLN B 40 22.99 21.86 10.52
N ASN B 41 23.17 22.60 11.63
CA ASN B 41 23.03 24.08 11.63
C ASN B 41 24.02 24.79 10.71
N LYS B 42 25.13 24.13 10.41
CA LYS B 42 26.14 24.66 9.52
C LYS B 42 25.90 24.19 8.09
N LEU B 43 25.38 22.97 7.99
CA LEU B 43 25.22 22.28 6.72
C LEU B 43 23.94 22.69 5.97
N ALA B 44 22.85 22.93 6.71
CA ALA B 44 21.59 23.37 6.12
C ALA B 44 21.74 24.66 5.28
N PRO B 45 22.40 25.71 5.84
CA PRO B 45 22.59 26.95 5.06
C PRO B 45 23.33 26.73 3.77
N PHE B 46 24.37 25.90 3.85
CA PHE B 46 25.18 25.59 2.71
C PHE B 46 24.38 24.82 1.64
N ILE B 47 23.67 23.77 2.07
CA ILE B 47 22.82 23.01 1.14
C ILE B 47 21.70 23.89 0.54
N ALA B 48 21.04 24.68 1.37
CA ALA B 48 20.03 25.60 0.86
C ALA B 48 20.58 26.55 -0.21
N LYS B 49 21.76 27.13 0.03
CA LYS B 49 22.40 28.04 -0.93
C LYS B 49 22.77 27.29 -2.21
N ARG B 50 23.35 26.10 -2.04
CA ARG B 50 23.78 25.23 -3.12
C ARG B 50 22.63 24.77 -4.07
N ARG B 51 21.47 24.42 -3.49
CA ARG B 51 20.34 23.89 -4.28
C ARG B 51 19.34 24.96 -4.75
N THR B 52 19.51 26.20 -4.26
CA THR B 52 18.56 27.28 -4.57
C THR B 52 18.35 27.47 -6.08
N PRO B 53 19.45 27.54 -6.87
CA PRO B 53 19.31 27.76 -8.33
C PRO B 53 18.55 26.65 -9.05
N LYS B 54 18.87 25.39 -8.73
CA LYS B 54 18.17 24.23 -9.29
C LYS B 54 16.67 24.32 -8.99
N ILE B 55 16.33 24.64 -7.75
CA ILE B 55 14.94 24.67 -7.33
C ILE B 55 14.16 25.87 -7.87
N GLN B 56 14.82 27.02 -7.96
CA GLN B 56 14.24 28.18 -8.63
C GLN B 56 13.88 27.83 -10.06
N GLU B 57 14.81 27.17 -10.75
CA GLU B 57 14.55 26.77 -12.13
C GLU B 57 13.33 25.84 -12.19
N GLN B 58 13.19 24.90 -11.25
CA GLN B 58 12.01 24.01 -11.28
C GLN B 58 10.73 24.77 -11.06
N TYR B 59 10.71 25.72 -10.14
CA TYR B 59 9.55 26.56 -9.91
C TYR B 59 9.24 27.46 -11.09
N ARG B 60 10.28 27.99 -11.70
CA ARG B 60 10.06 28.73 -12.95
C ARG B 60 9.34 27.88 -13.98
N ARG B 61 9.73 26.60 -14.11
CA ARG B 61 9.12 25.72 -15.10
C ARG B 61 7.65 25.50 -14.87
N ILE B 62 7.16 25.79 -13.66
CA ILE B 62 5.75 25.63 -13.36
C ILE B 62 5.05 26.94 -13.07
N GLY B 63 5.58 28.05 -13.59
CA GLY B 63 4.90 29.35 -13.53
C GLY B 63 5.46 30.39 -12.58
N GLY B 64 6.53 30.06 -11.86
CA GLY B 64 7.27 31.07 -11.08
C GLY B 64 7.16 30.95 -9.58
N GLY B 65 6.46 29.90 -9.13
CA GLY B 65 6.44 29.55 -7.71
C GLY B 65 5.34 28.55 -7.44
N SER B 66 5.06 28.37 -6.15
CA SER B 66 4.02 27.46 -5.67
C SER B 66 2.74 28.26 -5.43
N PRO B 67 1.57 27.77 -5.87
CA PRO B 67 0.31 28.41 -5.57
C PRO B 67 -0.38 27.90 -4.28
N ILE B 68 0.35 27.15 -3.48
CA ILE B 68 -0.22 26.54 -2.26
C ILE B 68 -0.92 27.54 -1.31
N LYS B 69 -0.35 28.73 -1.11
CA LYS B 69 -0.99 29.69 -0.18
C LYS B 69 -2.35 30.09 -0.68
N ILE B 70 -2.45 30.43 -1.97
CA ILE B 70 -3.69 30.88 -2.53
C ILE B 70 -4.77 29.78 -2.54
N TRP B 71 -4.38 28.57 -2.94
CA TRP B 71 -5.34 27.47 -2.93
C TRP B 71 -5.78 27.09 -1.52
N THR B 72 -4.83 27.10 -0.59
CA THR B 72 -5.17 26.71 0.80
C THR B 72 -6.15 27.72 1.42
N SER B 73 -5.92 29.02 1.17
CA SER B 73 -6.88 30.10 1.56
C SER B 73 -8.28 29.91 0.98
N LYS B 74 -8.34 29.73 -0.33
CA LYS B 74 -9.61 29.39 -1.01
C LYS B 74 -10.35 28.23 -0.37
N GLN B 75 -9.63 27.13 -0.16
CA GLN B 75 -10.27 25.97 0.44
CA GLN B 75 -10.13 25.91 0.48
C GLN B 75 -10.69 26.28 1.87
N GLY B 76 -9.87 27.03 2.60
CA GLY B 76 -10.11 27.42 4.01
C GLY B 76 -11.33 28.27 4.13
N GLU B 77 -11.46 29.25 3.21
CA GLU B 77 -12.66 30.07 3.11
C GLU B 77 -13.90 29.22 2.89
N GLY B 78 -13.87 28.30 1.90
CA GLY B 78 -15.02 27.45 1.59
C GLY B 78 -15.44 26.47 2.69
N MET B 79 -14.41 25.98 3.39
CA MET B 79 -14.54 25.05 4.51
C MET B 79 -15.32 25.74 5.66
N VAL B 80 -14.82 26.92 6.00
CA VAL B 80 -15.34 27.79 7.08
C VAL B 80 -16.82 28.17 6.81
N LYS B 81 -17.14 28.59 5.58
CA LYS B 81 -18.55 28.85 5.24
C LYS B 81 -19.47 27.67 5.48
N LEU B 82 -19.01 26.46 5.14
CA LEU B 82 -19.81 25.28 5.39
C LEU B 82 -19.87 24.92 6.85
N LEU B 83 -18.77 25.07 7.59
CA LEU B 83 -18.74 24.66 8.99
C LEU B 83 -19.72 25.50 9.82
N ASP B 84 -19.66 26.82 9.59
CA ASP B 84 -20.55 27.80 10.27
C ASP B 84 -22.02 27.39 10.18
N GLU B 85 -22.37 26.67 9.13
CA GLU B 85 -23.75 26.24 8.91
C GLU B 85 -23.95 24.81 9.39
N LEU B 86 -22.93 23.96 9.16
CA LEU B 86 -22.92 22.57 9.65
C LEU B 86 -22.95 22.42 11.15
N SER B 87 -22.12 23.19 11.83
CA SER B 87 -21.90 23.05 13.27
C SER B 87 -22.11 24.40 13.96
N PRO B 88 -23.37 24.87 14.05
CA PRO B 88 -23.65 26.20 14.66
C PRO B 88 -23.09 26.28 16.08
N ASN B 89 -23.18 25.15 16.79
CA ASN B 89 -22.66 24.95 18.14
C ASN B 89 -21.20 25.29 18.37
N THR B 90 -20.35 25.19 17.32
CA THR B 90 -18.93 25.48 17.47
C THR B 90 -18.53 26.71 16.66
N ALA B 91 -19.53 27.29 15.99
CA ALA B 91 -19.39 28.55 15.24
C ALA B 91 -19.17 29.77 16.17
N PRO B 92 -18.44 30.80 15.71
CA PRO B 92 -17.85 30.94 14.37
C PRO B 92 -16.53 30.22 14.23
N HIS B 93 -16.33 29.66 13.05
CA HIS B 93 -15.10 28.97 12.74
C HIS B 93 -14.18 29.89 12.01
N LYS B 94 -12.89 29.75 12.28
CA LYS B 94 -11.89 30.49 11.57
C LYS B 94 -10.76 29.53 11.17
N TYR B 95 -10.38 29.57 9.89
CA TYR B 95 -9.21 28.79 9.41
C TYR B 95 -7.95 29.60 9.55
N TYR B 96 -6.85 28.93 9.85
CA TYR B 96 -5.54 29.51 9.91
C TYR B 96 -4.59 28.64 9.09
N ILE B 97 -3.68 29.27 8.37
CA ILE B 97 -2.70 28.53 7.57
C ILE B 97 -1.41 28.39 8.35
N GLY B 98 -0.94 27.14 8.52
CA GLY B 98 0.30 26.88 9.24
C GLY B 98 1.24 26.06 8.39
N PHE B 99 2.13 26.75 7.69
CA PHE B 99 3.10 26.14 6.78
C PHE B 99 4.40 25.84 7.49
N ARG B 100 5.00 24.69 7.20
CA ARG B 100 6.20 24.29 7.90
C ARG B 100 7.42 25.19 7.57
N TYR B 101 7.56 25.55 6.29
CA TYR B 101 8.80 26.17 5.81
C TYR B 101 8.67 27.57 5.22
N VAL B 102 7.47 28.12 5.15
CA VAL B 102 7.29 29.50 4.68
C VAL B 102 6.19 30.20 5.47
N HIS B 103 6.20 31.55 5.45
CA HIS B 103 5.16 32.33 6.11
C HIS B 103 3.82 32.13 5.40
N PRO B 104 2.72 32.04 6.14
CA PRO B 104 2.69 32.03 7.62
C PRO B 104 3.13 30.67 8.18
N LEU B 105 4.10 30.74 9.08
CA LEU B 105 4.72 29.55 9.66
C LEU B 105 3.80 28.98 10.72
N THR B 106 3.95 27.66 10.99
CA THR B 106 3.15 26.98 11.97
C THR B 106 3.13 27.82 13.28
N GLU B 107 4.30 28.29 13.67
CA GLU B 107 4.50 28.95 14.97
C GLU B 107 3.83 30.30 14.98
N GLU B 108 3.85 30.98 13.82
CA GLU B 108 3.17 32.28 13.67
C GLU B 108 1.69 32.09 13.73
N ALA B 109 1.23 30.96 13.21
CA ALA B 109 -0.18 30.67 13.24
C ALA B 109 -0.63 30.30 14.66
N ILE B 110 0.21 29.58 15.39
CA ILE B 110 -0.19 29.20 16.73
C ILE B 110 -0.31 30.47 17.57
N GLU B 111 0.69 31.33 17.43
CA GLU B 111 0.78 32.62 18.11
C GLU B 111 -0.46 33.49 17.89
N GLU B 112 -0.95 33.59 16.64
CA GLU B 112 -2.24 34.26 16.32
C GLU B 112 -3.46 33.59 16.90
N MET B 113 -3.52 32.24 16.84
CA MET B 113 -4.67 31.52 17.36
C MET B 113 -4.84 31.80 18.85
N GLU B 114 -3.71 31.87 19.53
CA GLU B 114 -3.62 32.08 20.99
C GLU B 114 -4.12 33.49 21.33
N ARG B 115 -3.62 34.49 20.59
CA ARG B 115 -4.10 35.88 20.75
C ARG B 115 -5.57 36.05 20.40
N ASP B 116 -6.07 35.23 19.48
CA ASP B 116 -7.48 35.27 19.12
C ASP B 116 -8.38 34.76 20.23
N GLY B 117 -7.77 34.14 21.24
CA GLY B 117 -8.49 33.57 22.38
C GLY B 117 -9.52 32.54 22.00
N LEU B 118 -9.16 31.64 21.08
CA LEU B 118 -10.08 30.54 20.70
C LEU B 118 -10.36 29.59 21.85
N GLU B 119 -11.54 28.98 21.82
CA GLU B 119 -11.92 27.91 22.73
C GLU B 119 -11.38 26.52 22.32
N ARG B 120 -11.29 26.30 21.01
CA ARG B 120 -10.97 24.99 20.44
C ARG B 120 -10.02 25.22 19.29
N ALA B 121 -9.04 24.32 19.14
CA ALA B 121 -8.03 24.46 18.09
C ALA B 121 -7.73 23.09 17.49
N ILE B 122 -7.89 22.98 16.18
CA ILE B 122 -7.79 21.67 15.47
C ILE B 122 -6.61 21.74 14.52
N ALA B 123 -5.63 20.86 14.71
CA ALA B 123 -4.47 20.71 13.88
C ALA B 123 -4.96 19.82 12.73
N PHE B 124 -5.21 20.41 11.56
CA PHE B 124 -5.89 19.70 10.50
C PHE B 124 -4.90 19.50 9.37
N THR B 125 -4.30 18.31 9.30
CA THR B 125 -3.23 18.13 8.30
C THR B 125 -3.83 18.20 6.88
N GLN B 126 -3.12 18.84 5.96
CA GLN B 126 -3.56 18.88 4.55
C GLN B 126 -2.89 17.79 3.73
N TYR B 127 -2.18 16.87 4.41
CA TYR B 127 -1.67 15.66 3.70
C TYR B 127 -2.64 14.56 4.03
N PRO B 128 -3.36 14.00 3.04
CA PRO B 128 -4.33 12.95 3.37
C PRO B 128 -3.70 11.70 3.98
N GLN B 129 -2.47 11.40 3.59
CA GLN B 129 -1.81 10.19 4.04
C GLN B 129 -0.69 10.57 5.01
N TYR B 130 -0.61 9.88 6.14
CA TYR B 130 0.35 10.27 7.16
C TYR B 130 1.75 9.77 6.82
N SER B 131 2.71 10.70 6.77
CA SER B 131 4.13 10.34 6.94
C SER B 131 4.74 11.07 8.15
N CYS B 132 5.71 10.47 8.79
CA CYS B 132 6.40 11.23 9.87
C CYS B 132 7.11 12.46 9.32
N SER B 133 7.52 12.42 8.05
CA SER B 133 8.25 13.49 7.34
C SER B 133 7.35 14.70 7.02
N THR B 134 6.03 14.49 6.99
CA THR B 134 5.10 15.50 6.56
C THR B 134 4.20 15.87 7.74
N THR B 135 3.07 15.17 7.92
CA THR B 135 2.20 15.45 9.06
C THR B 135 2.96 15.38 10.40
N GLY B 136 3.87 14.41 10.53
CA GLY B 136 4.61 14.19 11.78
C GLY B 136 5.38 15.45 12.14
N SER B 137 6.14 15.97 11.16
CA SER B 137 6.91 17.23 11.33
C SER B 137 6.00 18.40 11.73
N SER B 138 4.88 18.58 11.01
CA SER B 138 3.90 19.64 11.33
C SER B 138 3.35 19.51 12.73
N LEU B 139 3.05 18.28 13.15
CA LEU B 139 2.52 18.06 14.49
C LEU B 139 3.63 18.26 15.52
N ASN B 140 4.83 17.77 15.21
CA ASN B 140 5.95 17.98 16.11
C ASN B 140 6.22 19.47 16.30
N ALA B 141 5.96 20.26 15.28
CA ALA B 141 6.19 21.74 15.40
C ALA B 141 5.26 22.38 16.41
N ILE B 142 4.05 21.85 16.52
CA ILE B 142 3.10 22.35 17.44
C ILE B 142 3.62 22.06 18.86
N TYR B 143 4.04 20.82 19.09
CA TYR B 143 4.59 20.52 20.39
C TYR B 143 5.87 21.35 20.67
N ARG B 144 6.78 21.38 19.69
CA ARG B 144 8.07 22.07 19.85
C ARG B 144 7.82 23.57 20.13
N TYR B 145 6.74 24.12 19.59
CA TYR B 145 6.36 25.51 19.84
C TYR B 145 6.14 25.78 21.33
N TYR B 146 5.24 25.01 21.94
CA TYR B 146 4.90 25.22 23.34
C TYR B 146 6.10 24.92 24.24
N ASN B 147 6.89 23.95 23.85
CA ASN B 147 8.08 23.60 24.62
C ASN B 147 9.21 24.63 24.52
N GLN B 148 9.36 25.27 23.36
CA GLN B 148 10.35 26.34 23.19
C GLN B 148 9.95 27.59 23.98
N VAL B 149 8.68 27.99 23.87
CA VAL B 149 8.17 29.18 24.58
C VAL B 149 7.98 28.86 26.05
N GLY B 150 8.35 27.64 26.44
CA GLY B 150 8.23 27.19 27.82
C GLY B 150 6.88 27.32 28.50
N ARG B 151 5.80 27.40 27.74
CA ARG B 151 4.47 27.40 28.35
C ARG B 151 3.43 26.51 27.69
N LYS B 152 2.31 26.38 28.38
CA LYS B 152 1.22 25.49 28.00
C LYS B 152 0.15 26.21 27.18
N PRO B 153 -0.58 25.47 26.31
CA PRO B 153 -1.68 26.03 25.49
C PRO B 153 -2.80 26.69 26.31
N THR B 154 -3.38 27.78 25.76
CA THR B 154 -4.57 28.39 26.32
C THR B 154 -5.83 27.94 25.59
N MET B 155 -5.66 27.02 24.65
CA MET B 155 -6.75 26.49 23.83
C MET B 155 -6.71 24.98 23.97
N LYS B 156 -7.88 24.40 23.79
CA LYS B 156 -8.14 22.98 23.71
C LYS B 156 -7.73 22.40 22.33
N TRP B 157 -6.67 21.58 22.29
CA TRP B 157 -6.22 21.06 20.99
C TRP B 157 -6.74 19.65 20.65
N SER B 158 -6.94 19.39 19.36
CA SER B 158 -7.13 18.01 18.89
C SER B 158 -6.48 17.97 17.48
N THR B 159 -6.41 16.79 16.87
CA THR B 159 -5.86 16.74 15.51
C THR B 159 -6.65 15.82 14.60
N ILE B 160 -6.77 16.24 13.34
CA ILE B 160 -7.22 15.33 12.26
C ILE B 160 -5.89 15.02 11.57
N ASP B 161 -5.30 13.89 11.93
CA ASP B 161 -3.91 13.62 11.55
C ASP B 161 -3.74 12.77 10.23
N ARG B 162 -4.84 12.28 9.68
CA ARG B 162 -4.79 11.56 8.40
C ARG B 162 -6.20 11.39 7.94
N TRP B 163 -6.39 11.18 6.62
CA TRP B 163 -7.71 10.91 6.07
C TRP B 163 -7.54 10.30 4.66
N PRO B 164 -6.83 9.17 4.57
CA PRO B 164 -6.44 8.68 3.25
C PRO B 164 -7.59 8.12 2.42
N THR B 165 -8.73 7.81 3.06
CA THR B 165 -9.83 7.20 2.32
C THR B 165 -11.15 7.99 2.50
N HIS B 166 -11.05 9.23 2.94
CA HIS B 166 -12.30 10.04 3.06
C HIS B 166 -13.19 10.01 1.79
N HIS B 167 -14.49 9.74 1.93
CA HIS B 167 -15.29 9.47 0.74
C HIS B 167 -15.32 10.60 -0.29
N LEU B 168 -15.28 11.86 0.17
CA LEU B 168 -15.37 13.02 -0.72
C LEU B 168 -14.02 13.26 -1.34
N LEU B 169 -12.96 12.97 -0.59
CA LEU B 169 -11.60 13.02 -1.19
C LEU B 169 -11.51 12.04 -2.37
N ILE B 170 -11.95 10.80 -2.15
CA ILE B 170 -11.94 9.74 -3.18
C ILE B 170 -12.81 10.20 -4.37
N GLN B 171 -14.01 10.68 -4.08
CA GLN B 171 -14.86 11.23 -5.12
C GLN B 171 -14.18 12.33 -5.96
N CYS B 172 -13.48 13.27 -5.34
CA CYS B 172 -12.74 14.28 -6.07
C CYS B 172 -11.71 13.69 -7.00
N PHE B 173 -10.90 12.75 -6.49
CA PHE B 173 -9.90 12.15 -7.38
C PHE B 173 -10.54 11.44 -8.55
N ALA B 174 -11.61 10.67 -8.31
CA ALA B 174 -12.22 9.89 -9.37
C ALA B 174 -12.79 10.86 -10.41
N ASP B 175 -13.34 11.97 -9.95
CA ASP B 175 -13.90 13.01 -10.85
C ASP B 175 -12.80 13.62 -11.73
N HIS B 176 -11.66 13.99 -11.12
CA HIS B 176 -10.60 14.60 -11.89
C HIS B 176 -9.98 13.61 -12.89
N ILE B 177 -9.98 12.32 -12.54
CA ILE B 177 -9.45 11.30 -13.45
C ILE B 177 -10.36 11.17 -14.68
N LEU B 178 -11.66 11.11 -14.41
CA LEU B 178 -12.63 10.97 -15.51
C LEU B 178 -12.55 12.15 -16.50
N LYS B 179 -12.45 13.36 -15.96
CA LYS B 179 -12.31 14.62 -16.73
C LYS B 179 -11.06 14.59 -17.61
N GLU B 180 -9.97 14.09 -17.05
CA GLU B 180 -8.73 14.02 -17.79
C GLU B 180 -8.73 12.88 -18.83
N LEU B 181 -9.37 11.75 -18.50
CA LEU B 181 -9.57 10.67 -19.47
C LEU B 181 -10.27 11.15 -20.74
N ASP B 182 -11.26 12.03 -20.56
CA ASP B 182 -11.97 12.70 -21.67
C ASP B 182 -11.09 13.41 -22.67
N HIS B 183 -9.93 13.86 -22.23
CA HIS B 183 -8.99 14.53 -23.12
C HIS B 183 -8.16 13.58 -23.98
N PHE B 184 -8.31 12.27 -23.78
CA PHE B 184 -7.62 11.30 -24.67
C PHE B 184 -8.59 10.95 -25.81
N PRO B 185 -8.06 10.61 -27.02
CA PRO B 185 -8.97 10.25 -28.12
C PRO B 185 -9.86 9.11 -27.68
N LEU B 186 -11.12 9.16 -28.06
CA LEU B 186 -12.11 8.18 -27.66
C LEU B 186 -11.66 6.74 -27.91
N GLU B 187 -10.96 6.54 -29.02
CA GLU B 187 -10.57 5.19 -29.47
C GLU B 187 -9.48 4.60 -28.62
N LYS B 188 -8.83 5.48 -27.84
CA LYS B 188 -7.71 5.15 -26.97
C LYS B 188 -8.03 5.23 -25.47
N ARG B 189 -9.17 5.78 -25.08
CA ARG B 189 -9.51 5.95 -23.68
C ARG B 189 -9.29 4.66 -22.84
N SER B 190 -9.82 3.53 -23.32
CA SER B 190 -9.78 2.26 -22.57
C SER B 190 -8.35 1.70 -22.39
N GLU B 191 -7.42 2.17 -23.24
CA GLU B 191 -6.01 1.80 -23.24
C GLU B 191 -5.12 2.64 -22.30
N VAL B 192 -5.64 3.75 -21.80
CA VAL B 192 -4.79 4.65 -20.99
C VAL B 192 -4.37 3.95 -19.69
N VAL B 193 -3.08 4.02 -19.32
CA VAL B 193 -2.55 3.55 -18.02
C VAL B 193 -2.72 4.71 -17.04
N ILE B 194 -3.37 4.43 -15.91
CA ILE B 194 -3.42 5.43 -14.82
C ILE B 194 -2.19 5.18 -13.92
N LEU B 195 -1.25 6.13 -13.90
CA LEU B 195 -0.09 6.06 -13.03
C LEU B 195 -0.33 7.00 -11.88
N PHE B 196 -0.68 6.44 -10.73
CA PHE B 196 -0.77 7.25 -9.51
C PHE B 196 0.67 7.51 -9.08
N SER B 197 1.01 8.78 -8.85
CA SER B 197 2.39 9.16 -8.64
C SER B 197 2.43 9.95 -7.35
N ALA B 198 2.94 9.35 -6.28
CA ALA B 198 3.09 10.03 -4.99
C ALA B 198 4.55 10.36 -4.78
N HIS B 199 4.88 11.37 -3.96
CA HIS B 199 6.29 11.62 -3.68
C HIS B 199 6.88 10.40 -2.95
N SER B 200 8.03 9.94 -3.43
CA SER B 200 8.77 8.90 -2.75
C SER B 200 9.23 9.23 -1.30
N LEU B 201 9.64 8.20 -0.57
CA LEU B 201 10.36 8.26 0.69
C LEU B 201 11.70 7.50 0.56
N PRO B 202 12.76 7.94 1.28
CA PRO B 202 13.97 7.15 1.39
C PRO B 202 13.64 5.78 1.97
N MET B 203 14.30 4.73 1.47
CA MET B 203 14.12 3.39 2.08
C MET B 203 14.48 3.31 3.56
N SER B 204 15.40 4.16 4.04
CA SER B 204 15.68 4.20 5.47
C SER B 204 14.45 4.57 6.28
N VAL B 205 13.58 5.40 5.70
CA VAL B 205 12.40 5.88 6.37
C VAL B 205 11.28 4.84 6.21
N VAL B 206 11.15 4.29 5.00
CA VAL B 206 10.14 3.18 4.74
C VAL B 206 10.47 2.07 5.74
N ASN B 207 11.76 1.71 5.83
CA ASN B 207 12.16 0.59 6.70
C ASN B 207 12.09 0.78 8.19
N ARG B 208 11.90 2.01 8.65
CA ARG B 208 11.75 2.23 10.06
C ARG B 208 10.27 2.19 10.47
N GLY B 209 9.36 2.08 9.49
CA GLY B 209 7.94 1.86 9.76
C GLY B 209 7.00 3.02 9.38
N ASP B 210 7.47 3.90 8.52
CA ASP B 210 6.62 5.05 8.16
C ASP B 210 5.27 4.55 7.60
N PRO B 211 4.17 5.12 8.08
CA PRO B 211 2.79 4.67 7.66
C PRO B 211 2.44 5.07 6.20
N TYR B 212 3.18 5.98 5.60
CA TYR B 212 2.76 6.61 4.31
C TYR B 212 2.51 5.68 3.10
N PRO B 213 3.48 4.82 2.74
CA PRO B 213 3.22 3.96 1.57
C PRO B 213 1.92 3.13 1.69
N GLN B 214 1.62 2.60 2.89
CA GLN B 214 0.43 1.77 3.03
C GLN B 214 -0.84 2.63 2.89
N GLU B 215 -0.79 3.85 3.43
CA GLU B 215 -1.94 4.77 3.36
C GLU B 215 -2.18 5.28 1.94
N VAL B 216 -1.11 5.63 1.24
CA VAL B 216 -1.19 6.03 -0.17
C VAL B 216 -1.82 4.89 -1.00
N SER B 217 -1.39 3.67 -0.71
CA SER B 217 -1.88 2.47 -1.40
C SER B 217 -3.38 2.32 -1.19
N ALA B 218 -3.85 2.59 0.02
CA ALA B 218 -5.34 2.63 0.34
C ALA B 218 -6.12 3.67 -0.47
N THR B 219 -5.61 4.90 -0.57
CA THR B 219 -6.25 5.91 -1.38
C THR B 219 -6.41 5.44 -2.80
N VAL B 220 -5.32 4.88 -3.37
CA VAL B 220 -5.36 4.34 -4.72
C VAL B 220 -6.44 3.29 -4.91
N GLN B 221 -6.52 2.35 -3.98
CA GLN B 221 -7.51 1.26 -4.11
C GLN B 221 -8.90 1.87 -4.08
N LYS B 222 -9.15 2.81 -3.19
CA LYS B 222 -10.52 3.38 -3.07
C LYS B 222 -10.94 4.14 -4.33
N VAL B 223 -9.98 4.83 -4.93
CA VAL B 223 -10.20 5.55 -6.19
C VAL B 223 -10.51 4.60 -7.30
N MET B 224 -9.75 3.51 -7.44
CA MET B 224 -9.96 2.55 -8.54
C MET B 224 -11.32 1.82 -8.34
N GLU B 225 -11.66 1.52 -7.09
CA GLU B 225 -12.96 0.96 -6.77
CA GLU B 225 -12.96 0.94 -6.74
C GLU B 225 -14.09 1.88 -7.22
N ARG B 226 -13.96 3.16 -6.93
CA ARG B 226 -14.95 4.16 -7.35
C ARG B 226 -15.02 4.17 -8.88
N LEU B 227 -13.85 4.08 -9.53
CA LEU B 227 -13.78 4.11 -11.02
C LEU B 227 -14.20 2.78 -11.66
N GLU B 228 -14.59 1.80 -10.84
CA GLU B 228 -14.99 0.47 -11.27
C GLU B 228 -13.89 -0.19 -12.11
N TYR B 229 -12.64 0.07 -11.72
CA TYR B 229 -11.51 -0.55 -12.40
C TYR B 229 -11.55 -0.36 -13.92
N CYS B 230 -11.89 0.84 -14.38
CA CYS B 230 -12.14 1.12 -15.80
C CYS B 230 -10.88 1.08 -16.65
N ASN B 231 -9.76 1.43 -16.04
CA ASN B 231 -8.45 1.34 -16.66
C ASN B 231 -7.47 0.59 -15.74
N PRO B 232 -6.34 0.12 -16.32
CA PRO B 232 -5.24 -0.48 -15.56
C PRO B 232 -4.43 0.63 -14.89
N TYR B 233 -3.82 0.29 -13.77
CA TYR B 233 -3.08 1.29 -12.98
C TYR B 233 -1.80 0.73 -12.36
N ARG B 234 -0.90 1.64 -11.94
CA ARG B 234 0.19 1.26 -11.01
C ARG B 234 0.36 2.46 -10.10
N LEU B 235 0.76 2.18 -8.86
CA LEU B 235 1.20 3.22 -7.97
C LEU B 235 2.75 3.30 -8.07
N VAL B 236 3.26 4.44 -8.54
CA VAL B 236 4.71 4.66 -8.61
C VAL B 236 5.05 5.94 -7.83
N TRP B 237 6.34 6.29 -7.77
CA TRP B 237 6.81 7.23 -6.76
C TRP B 237 7.73 8.22 -7.39
N GLN B 238 7.42 9.48 -7.19
CA GLN B 238 8.13 10.52 -7.94
C GLN B 238 9.13 11.32 -7.12
N SER B 239 9.98 12.05 -7.88
CA SER B 239 10.82 13.13 -7.35
C SER B 239 11.90 12.75 -6.30
N LYS B 240 12.33 11.47 -6.25
CA LYS B 240 13.34 11.10 -5.25
C LYS B 240 14.54 12.04 -5.40
N VAL B 241 15.16 12.42 -4.29
CA VAL B 241 16.32 13.35 -4.32
C VAL B 241 17.59 12.68 -3.78
N GLY B 242 18.71 12.98 -4.43
CA GLY B 242 20.00 12.41 -4.02
C GLY B 242 20.31 11.01 -4.50
N PRO B 243 21.40 10.42 -3.99
CA PRO B 243 21.94 9.14 -4.46
C PRO B 243 21.57 7.89 -3.63
N MET B 244 20.90 8.07 -2.49
CA MET B 244 20.58 6.95 -1.60
C MET B 244 19.36 6.16 -2.16
N PRO B 245 19.11 4.93 -1.66
CA PRO B 245 17.90 4.21 -2.13
C PRO B 245 16.56 4.81 -1.64
N TRP B 246 15.66 5.00 -2.57
CA TRP B 246 14.32 5.51 -2.21
C TRP B 246 13.28 4.46 -2.71
N LEU B 247 12.05 4.56 -2.20
CA LEU B 247 11.02 3.60 -2.63
C LEU B 247 10.72 3.81 -4.12
N GLY B 248 10.73 2.74 -4.90
CA GLY B 248 10.36 2.77 -6.33
C GLY B 248 9.14 1.89 -6.62
N PRO B 249 8.76 1.71 -7.89
CA PRO B 249 9.37 2.21 -9.09
C PRO B 249 9.32 3.72 -9.15
N GLN B 250 10.33 4.31 -9.75
CA GLN B 250 10.33 5.75 -9.89
CA GLN B 250 10.36 5.77 -9.95
C GLN B 250 9.38 6.15 -11.04
N THR B 251 8.67 7.28 -10.91
CA THR B 251 7.74 7.70 -11.92
C THR B 251 8.40 7.84 -13.29
N ASP B 252 9.57 8.47 -13.35
CA ASP B 252 10.26 8.70 -14.64
C ASP B 252 10.59 7.35 -15.26
N GLU B 253 11.28 6.49 -14.51
CA GLU B 253 11.70 5.19 -15.07
C GLU B 253 10.47 4.35 -15.52
N SER B 254 9.35 4.50 -14.82
CA SER B 254 8.09 3.76 -15.16
C SER B 254 7.40 4.30 -16.40
N ILE B 255 7.47 5.61 -16.60
CA ILE B 255 6.91 6.16 -17.85
C ILE B 255 7.75 5.62 -19.05
N LYS B 256 9.06 5.73 -18.92
CA LYS B 256 9.96 5.21 -19.99
C LYS B 256 9.72 3.73 -20.22
N GLY B 257 9.63 2.97 -19.14
CA GLY B 257 9.51 1.52 -19.26
C GLY B 257 8.22 1.14 -19.91
N LEU B 258 7.14 1.84 -19.54
CA LEU B 258 5.85 1.58 -20.09
C LEU B 258 5.80 1.88 -21.57
N CYS B 259 6.40 3.00 -21.99
CA CYS B 259 6.45 3.32 -23.41
CA CYS B 259 6.49 3.35 -23.41
C CYS B 259 7.31 2.31 -24.18
N GLU B 260 8.43 1.88 -23.62
CA GLU B 260 9.26 0.84 -24.26
C GLU B 260 8.50 -0.49 -24.43
N ARG B 261 7.39 -0.64 -23.68
CA ARG B 261 6.61 -1.89 -23.63
C ARG B 261 5.23 -1.73 -24.27
N GLY B 262 5.08 -0.65 -25.04
CA GLY B 262 3.94 -0.49 -25.91
C GLY B 262 2.82 0.35 -25.34
N ARG B 263 2.98 0.90 -24.13
CA ARG B 263 1.93 1.69 -23.51
C ARG B 263 2.14 3.16 -23.88
N LYS B 264 1.34 3.67 -24.79
CA LYS B 264 1.59 4.96 -25.44
C LYS B 264 0.70 6.08 -24.87
N ASN B 265 -0.18 5.72 -23.96
CA ASN B 265 -1.13 6.68 -23.38
C ASN B 265 -1.12 6.57 -21.85
N ILE B 266 -0.69 7.62 -21.16
CA ILE B 266 -0.41 7.55 -19.74
C ILE B 266 -1.07 8.77 -19.06
N LEU B 267 -1.81 8.51 -17.97
CA LEU B 267 -2.46 9.57 -17.18
C LEU B 267 -1.82 9.56 -15.81
N LEU B 268 -1.08 10.62 -15.51
CA LEU B 268 -0.41 10.77 -14.19
C LEU B 268 -1.39 11.39 -13.17
N VAL B 269 -1.46 10.78 -11.98
CA VAL B 269 -2.42 11.28 -10.98
C VAL B 269 -1.70 11.68 -9.69
N PRO B 270 -1.81 12.98 -9.31
CA PRO B 270 -1.13 13.44 -8.04
C PRO B 270 -1.97 12.98 -6.83
N ILE B 271 -1.67 11.78 -6.36
CA ILE B 271 -2.52 11.09 -5.37
C ILE B 271 -2.22 11.49 -3.92
N ALA B 272 -1.10 12.20 -3.68
CA ALA B 272 -0.62 12.42 -2.27
C ALA B 272 -0.19 13.86 -2.00
N PHE B 273 -0.43 14.76 -2.94
CA PHE B 273 -0.21 16.16 -2.63
C PHE B 273 -1.19 16.94 -3.42
N THR B 274 -2.03 17.75 -2.73
CA THR B 274 -3.26 18.23 -3.32
C THR B 274 -3.16 19.56 -4.08
N SER B 275 -1.97 20.09 -4.20
CA SER B 275 -1.79 21.38 -4.85
C SER B 275 -0.85 21.15 -5.97
N ASP B 276 -0.86 22.05 -6.96
CA ASP B 276 0.14 22.05 -7.99
C ASP B 276 1.53 22.02 -7.40
N HIS B 277 2.40 21.22 -7.99
CA HIS B 277 3.76 21.02 -7.50
C HIS B 277 4.74 20.70 -8.62
N ILE B 278 6.00 20.48 -8.30
CA ILE B 278 7.02 20.28 -9.33
C ILE B 278 6.80 18.98 -10.13
N GLU B 279 6.89 19.07 -11.46
CA GLU B 279 6.51 17.99 -12.35
C GLU B 279 7.65 17.06 -12.67
N THR B 280 7.37 15.99 -13.41
CA THR B 280 8.40 14.95 -13.58
C THR B 280 9.19 15.19 -14.86
N LEU B 281 10.31 14.48 -14.99
CA LEU B 281 11.24 14.61 -16.12
C LEU B 281 10.57 14.59 -17.49
N TYR B 282 9.72 13.59 -17.76
CA TYR B 282 9.08 13.48 -19.09
C TYR B 282 8.03 14.56 -19.35
N GLU B 283 7.57 15.22 -18.28
CA GLU B 283 6.59 16.30 -18.43
C GLU B 283 7.30 17.62 -18.71
N LEU B 284 8.51 17.76 -18.18
CA LEU B 284 9.26 19.05 -18.21
C LEU B 284 10.40 19.15 -19.21
N ASP B 285 11.21 18.11 -19.31
CA ASP B 285 12.37 18.16 -20.18
C ASP B 285 12.02 17.75 -21.61
N ILE B 286 12.15 18.70 -22.55
CA ILE B 286 11.79 18.44 -23.94
C ILE B 286 12.80 17.53 -24.66
N GLU B 287 14.07 17.59 -24.28
CA GLU B 287 15.06 16.64 -24.82
C GLU B 287 14.68 15.19 -24.53
N TYR B 288 14.29 14.93 -23.29
CA TYR B 288 13.85 13.59 -22.86
C TYR B 288 12.56 13.10 -23.50
N SER B 289 11.53 13.94 -23.55
CA SER B 289 10.26 13.53 -24.14
C SER B 289 10.34 13.33 -25.65
N GLN B 290 11.27 14.04 -26.28
CA GLN B 290 11.60 13.89 -27.70
C GLN B 290 12.11 12.51 -28.00
N VAL B 291 13.16 12.10 -27.27
CA VAL B 291 13.75 10.76 -27.37
C VAL B 291 12.70 9.66 -27.16
N LEU B 292 11.90 9.79 -26.11
CA LEU B 292 10.84 8.84 -25.83
C LEU B 292 9.95 8.59 -27.04
N ALA B 293 9.37 9.66 -27.60
CA ALA B 293 8.48 9.55 -28.77
C ALA B 293 9.16 8.99 -30.04
N LYS B 294 10.46 9.25 -30.20
CA LYS B 294 11.21 8.73 -31.36
C LYS B 294 11.40 7.21 -31.26
N GLU B 295 11.80 6.75 -30.08
CA GLU B 295 12.09 5.34 -29.82
C GLU B 295 10.84 4.47 -29.60
N CYS B 296 9.91 4.93 -28.78
CA CYS B 296 8.73 4.14 -28.42
C CYS B 296 7.40 4.72 -28.90
N GLY B 297 7.45 5.92 -29.48
CA GLY B 297 6.26 6.53 -30.07
C GLY B 297 5.15 6.82 -29.07
N VAL B 298 5.53 7.40 -27.92
CA VAL B 298 4.54 7.86 -26.92
C VAL B 298 3.55 8.82 -27.59
N GLU B 299 2.26 8.63 -27.33
CA GLU B 299 1.18 9.41 -27.96
C GLU B 299 0.63 10.54 -27.06
N ASN B 300 0.35 10.22 -25.80
CA ASN B 300 -0.27 11.18 -24.86
C ASN B 300 0.20 10.89 -23.43
N ILE B 301 0.94 11.81 -22.81
CA ILE B 301 1.14 11.80 -21.35
C ILE B 301 0.41 13.05 -20.84
N ARG B 302 -0.55 12.83 -19.94
CA ARG B 302 -1.37 13.92 -19.39
C ARG B 302 -1.39 13.78 -17.88
N ARG B 303 -1.59 14.88 -17.18
CA ARG B 303 -1.65 14.86 -15.73
C ARG B 303 -3.03 15.36 -15.28
N ALA B 304 -3.69 14.63 -14.38
CA ALA B 304 -4.98 15.07 -13.82
C ALA B 304 -4.76 16.35 -13.02
N GLU B 305 -5.81 17.16 -12.95
CA GLU B 305 -5.75 18.44 -12.25
C GLU B 305 -5.58 18.23 -10.77
N SER B 306 -4.86 19.13 -10.10
CA SER B 306 -4.76 19.10 -8.65
C SER B 306 -6.11 19.44 -8.02
N LEU B 307 -6.38 18.89 -6.84
CA LEU B 307 -7.67 19.15 -6.22
C LEU B 307 -7.97 20.66 -6.10
N ASN B 308 -6.89 21.48 -6.01
CA ASN B 308 -6.93 22.96 -6.05
CA ASN B 308 -6.93 22.95 -6.03
C ASN B 308 -8.21 23.61 -5.49
N GLY B 309 -9.07 24.08 -6.40
CA GLY B 309 -10.25 24.89 -6.01
C GLY B 309 -11.61 24.24 -6.12
N ASN B 310 -11.62 22.95 -6.43
CA ASN B 310 -12.84 22.17 -6.57
C ASN B 310 -13.65 22.26 -5.27
N PRO B 311 -14.91 22.76 -5.36
CA PRO B 311 -15.73 22.99 -4.19
C PRO B 311 -16.15 21.70 -3.47
N LEU B 312 -16.09 20.55 -4.15
CA LEU B 312 -16.41 19.28 -3.50
C LEU B 312 -15.22 18.93 -2.61
N PHE B 313 -14.08 19.51 -2.95
CA PHE B 313 -12.94 19.43 -2.03
C PHE B 313 -13.19 20.24 -0.75
N SER B 314 -13.70 21.47 -0.87
CA SER B 314 -14.06 22.23 0.36
C SER B 314 -15.10 21.49 1.14
N LYS B 315 -16.05 20.85 0.45
CA LYS B 315 -17.04 20.03 1.14
C LYS B 315 -16.38 18.85 1.89
N ALA B 316 -15.38 18.23 1.27
CA ALA B 316 -14.58 17.20 1.95
C ALA B 316 -13.99 17.75 3.24
N LEU B 317 -13.27 18.86 3.16
CA LEU B 317 -12.57 19.47 4.33
C LEU B 317 -13.54 19.78 5.47
N ALA B 318 -14.67 20.40 5.13
CA ALA B 318 -15.69 20.68 6.16
C ALA B 318 -16.29 19.42 6.77
N ASP B 319 -16.62 18.41 5.95
CA ASP B 319 -17.14 17.12 6.39
C ASP B 319 -16.23 16.45 7.41
N LEU B 320 -14.92 16.56 7.16
CA LEU B 320 -13.91 15.99 8.05
C LEU B 320 -13.85 16.71 9.37
N VAL B 321 -13.83 18.03 9.31
CA VAL B 321 -13.82 18.85 10.53
C VAL B 321 -15.11 18.62 11.33
N HIS B 322 -16.25 18.62 10.63
CA HIS B 322 -17.55 18.35 11.27
C HIS B 322 -17.60 16.97 11.94
N SER B 323 -17.23 15.91 11.22
CA SER B 323 -17.15 14.58 11.83
C SER B 323 -16.21 14.50 13.02
N HIS B 324 -15.07 15.19 12.95
CA HIS B 324 -14.09 15.24 14.01
C HIS B 324 -14.69 15.82 15.28
N ILE B 325 -15.26 17.02 15.16
CA ILE B 325 -16.02 17.65 16.24
C ILE B 325 -17.07 16.71 16.83
N GLN B 326 -17.93 16.13 16.00
CA GLN B 326 -18.98 15.27 16.53
C GLN B 326 -18.45 14.08 17.31
N SER B 327 -17.31 13.54 16.87
CA SER B 327 -16.74 12.33 17.44
C SER B 327 -16.10 12.53 18.81
N ASN B 328 -15.71 13.77 19.10
CA ASN B 328 -14.95 14.11 20.29
C ASN B 328 -13.57 13.47 20.38
N GLU B 329 -13.05 12.97 19.25
CA GLU B 329 -11.74 12.31 19.21
C GLU B 329 -10.63 13.36 19.29
N LEU B 330 -9.50 13.00 19.88
CA LEU B 330 -8.39 13.92 20.03
C LEU B 330 -7.35 13.71 18.93
N CYS B 331 -7.37 12.51 18.35
CA CYS B 331 -6.44 12.12 17.26
C CYS B 331 -6.84 10.74 16.77
N SER B 332 -6.26 10.29 15.65
CA SER B 332 -6.56 8.95 15.19
C SER B 332 -5.96 7.91 16.15
N LYS B 333 -6.51 6.69 16.13
CA LYS B 333 -5.85 5.61 16.87
C LYS B 333 -4.43 5.39 16.36
N GLN B 334 -4.23 5.53 15.04
CA GLN B 334 -2.88 5.37 14.48
C GLN B 334 -1.85 6.30 15.07
N LEU B 335 -2.24 7.52 15.46
CA LEU B 335 -1.22 8.46 15.99
C LEU B 335 -0.62 7.93 17.33
N THR B 336 -1.38 7.05 17.99
CA THR B 336 -1.00 6.58 19.32
C THR B 336 0.08 5.49 19.23
N LEU B 337 0.44 5.09 17.99
CA LEU B 337 1.53 4.14 17.75
C LEU B 337 2.68 4.76 16.99
N SER B 338 3.86 4.81 17.61
CA SER B 338 4.98 5.40 16.87
C SER B 338 5.61 4.34 15.97
N CYS B 339 6.45 4.75 15.02
CA CYS B 339 7.07 3.80 14.10
C CYS B 339 7.83 2.76 14.91
N PRO B 340 7.84 1.50 14.48
CA PRO B 340 8.55 0.48 15.29
C PRO B 340 10.02 0.82 15.54
N LEU B 341 10.63 1.59 14.63
CA LEU B 341 12.06 1.95 14.72
C LEU B 341 12.29 3.48 14.74
N CYS B 342 11.27 4.21 15.20
CA CYS B 342 11.39 5.64 15.45
C CYS B 342 12.62 5.93 16.34
N VAL B 343 13.42 6.89 15.93
CA VAL B 343 14.58 7.27 16.77
C VAL B 343 14.53 8.76 17.12
N ASN B 344 13.33 9.33 17.01
CA ASN B 344 13.10 10.74 17.31
C ASN B 344 12.30 10.88 18.62
N PRO B 345 12.95 11.32 19.73
CA PRO B 345 12.22 11.34 21.00
C PRO B 345 11.06 12.32 21.03
N VAL B 346 11.02 13.23 20.06
CA VAL B 346 9.95 14.20 20.03
C VAL B 346 8.63 13.55 19.63
N CYS B 347 8.71 12.51 18.78
CA CYS B 347 7.45 11.86 18.36
C CYS B 347 6.49 11.47 19.46
N ARG B 348 6.98 10.74 20.47
CA ARG B 348 6.10 10.35 21.57
C ARG B 348 5.61 11.55 22.40
N GLU B 349 6.46 12.59 22.54
CA GLU B 349 6.04 13.81 23.23
C GLU B 349 4.87 14.44 22.53
N THR B 350 4.95 14.50 21.22
CA THR B 350 3.84 15.09 20.46
C THR B 350 2.57 14.26 20.57
N LYS B 351 2.72 12.92 20.50
CA LYS B 351 1.58 12.03 20.71
C LYS B 351 0.87 12.32 22.03
N SER B 352 1.63 12.32 23.14
CA SER B 352 1.04 12.57 24.47
C SER B 352 0.42 13.96 24.57
N PHE B 353 1.02 14.94 23.90
CA PHE B 353 0.46 16.28 23.81
C PHE B 353 -0.98 16.23 23.37
N PHE B 354 -1.25 15.54 22.25
CA PHE B 354 -2.61 15.39 21.76
C PHE B 354 -3.55 14.49 22.55
N THR B 355 -3.07 13.31 22.96
CA THR B 355 -3.96 12.37 23.63
C THR B 355 -4.33 12.92 25.01
N SER B 356 -3.45 13.76 25.60
CA SER B 356 -3.66 14.31 26.98
C SER B 356 -4.49 15.62 27.05
N GLN B 357 -4.89 16.17 25.91
CA GLN B 357 -5.58 17.48 25.86
C GLN B 357 -6.90 17.48 26.63
N GLN B 358 -7.19 18.60 27.28
CA GLN B 358 -8.47 18.74 27.96
C GLN B 358 -9.63 18.54 26.99
N LEU B 359 -10.65 17.80 27.43
CA LEU B 359 -11.87 17.44 26.66
C LEU B 359 -11.89 16.08 25.88
FE1 FES C . 6.44 -9.45 -15.98
FE2 FES C . 5.47 -8.28 -13.69
S1 FES C . 4.50 -8.36 -15.63
S2 FES C . 7.48 -9.19 -14.10
C1 GOL D . 2.83 0.00 -1.02
C1 GOL D . 3.78 0.33 -1.45
O1 GOL D . 2.89 0.34 -2.42
O1 GOL D . 4.82 0.21 -2.38
C2 GOL D . 4.16 0.14 -0.26
C2 GOL D . 4.06 -0.40 -0.14
O2 GOL D . 5.30 -0.20 -1.02
O2 GOL D . 5.34 -0.17 0.41
C3 GOL D . 4.01 -0.73 0.97
C3 GOL D . 2.91 -0.20 0.85
O3 GOL D . 5.06 -0.54 1.89
O3 GOL D . 3.23 -0.50 2.21
N1 IMD E . 9.39 -15.76 0.34
C2 IMD E . 9.34 -14.37 0.47
N3 IMD E . 9.92 -13.97 1.62
C4 IMD E . 10.34 -15.08 2.27
C5 IMD E . 10.03 -16.18 1.49
C BCT F . 7.19 -18.24 -4.20
O1 BCT F . 6.05 -18.42 -4.67
O2 BCT F . 8.18 -18.48 -4.89
O3 BCT F . 7.38 -17.78 -2.95
C1 CHD G . 28.04 -17.89 -4.20
C2 CHD G . 28.08 -17.40 -2.76
C3 CHD G . 27.22 -18.32 -1.90
O3 CHD G . 27.39 -17.97 -0.53
C4 CHD G . 25.78 -18.13 -2.36
C5 CHD G . 25.61 -18.72 -3.77
C6 CHD G . 24.14 -18.59 -4.21
C7 CHD G . 23.81 -17.34 -5.03
O7 CHD G . 23.81 -16.18 -4.18
C8 CHD G . 24.80 -17.13 -6.17
C9 CHD G . 26.25 -17.06 -5.65
C10 CHD G . 26.67 -18.28 -4.80
C11 CHD G . 27.27 -16.73 -6.76
C12 CHD G . 26.90 -15.50 -7.61
O12 CHD G . 27.12 -14.30 -6.86
C13 CHD G . 25.46 -15.57 -8.12
C14 CHD G . 24.51 -15.84 -6.95
C15 CHD G . 23.08 -15.67 -7.53
C16 CHD G . 23.32 -14.30 -8.42
C17 CHD G . 24.87 -14.25 -8.63
C18 CHD G . 25.38 -16.73 -9.13
C19 CHD G . 26.91 -19.50 -5.70
C20 CHD G . 25.26 -13.67 -10.03
C21 CHD G . 26.52 -14.21 -10.70
C22 CHD G . 25.38 -12.15 -9.94
C23 CHD G . 24.47 -11.45 -10.93
O25 CHD G . 22.27 -12.35 -11.04
C24 CHD G . 23.03 -11.54 -10.46
O26 CHD G . 22.68 -10.83 -9.49
C1 CHD H . 16.57 -10.61 -5.40
C2 CHD H . 17.65 -9.56 -5.60
C3 CHD H . 17.89 -9.34 -7.09
O3 CHD H . 18.92 -8.37 -7.26
C4 CHD H . 18.30 -10.64 -7.77
C5 CHD H . 17.27 -11.78 -7.60
C6 CHD H . 17.84 -13.09 -8.21
C7 CHD H . 18.62 -13.99 -7.23
O7 CHD H . 19.89 -13.39 -6.90
C8 CHD H . 17.85 -14.23 -5.94
C9 CHD H . 17.64 -12.84 -5.31
C10 CHD H . 16.71 -11.95 -6.16
C11 CHD H . 17.30 -12.87 -3.81
C12 CHD H . 18.15 -13.85 -3.00
O12 CHD H . 19.53 -13.44 -2.97
C13 CHD H . 18.00 -15.26 -3.56
C14 CHD H . 18.56 -15.20 -4.98
C15 CHD H . 18.71 -16.68 -5.38
C16 CHD H . 19.30 -17.32 -4.05
C17 CHD H . 18.90 -16.32 -2.93
C18 CHD H . 16.51 -15.63 -3.58
C19 CHD H . 15.32 -12.56 -6.30
C20 CHD H . 18.51 -17.03 -1.60
C21 CHD H . 17.03 -17.22 -1.31
C22 CHD H . 19.15 -16.33 -0.40
C23 CHD H . 20.11 -17.27 0.31
O25 CHD H . 21.52 -15.92 1.67
C24 CHD H . 20.50 -16.65 1.64
O26 CHD H . 19.78 -16.87 2.64
CHA HEM I . 9.49 -19.88 0.33
CHB HEM I . 11.88 -16.58 -2.23
CHC HEM I . 7.81 -13.98 -2.84
CHD HEM I . 5.60 -16.88 0.28
C1A HEM I . 10.49 -19.24 -0.34
C2A HEM I . 11.79 -19.76 -0.57
C3A HEM I . 12.48 -18.85 -1.29
C4A HEM I . 11.60 -17.71 -1.54
CMA HEM I . 13.95 -18.97 -1.76
CAA HEM I . 12.24 -21.15 -0.06
CBA HEM I . 12.65 -21.13 1.40
CGA HEM I . 14.08 -20.67 1.48
O1A HEM I . 14.35 -19.86 2.38
O2A HEM I . 14.96 -21.14 0.68
C1B HEM I . 10.96 -15.65 -2.67
C2B HEM I . 11.24 -14.61 -3.64
C3B HEM I . 10.11 -13.91 -3.84
C4B HEM I . 9.10 -14.46 -2.96
CMB HEM I . 12.62 -14.41 -4.34
CAB HEM I . 9.91 -12.67 -4.75
CBB HEM I . 10.55 -12.43 -5.92
C1C HEM I . 6.84 -14.48 -2.00
C2C HEM I . 5.47 -13.94 -1.77
C3C HEM I . 4.88 -14.78 -0.91
C4C HEM I . 5.83 -15.85 -0.59
CMC HEM I . 5.00 -12.67 -2.48
CAC HEM I . 3.47 -14.77 -0.27
CBC HEM I . 2.41 -14.34 -0.90
C1D HEM I . 6.43 -17.94 0.57
C2D HEM I . 6.06 -19.06 1.39
C3D HEM I . 7.29 -19.98 1.37
C4D HEM I . 8.25 -19.32 0.57
CMD HEM I . 4.72 -19.28 2.11
CAD HEM I . 7.48 -21.35 2.04
CBD HEM I . 8.23 -21.34 3.35
CGD HEM I . 7.52 -20.49 4.37
O1D HEM I . 6.46 -20.90 4.89
O2D HEM I . 8.01 -19.37 4.62
NA HEM I . 10.39 -18.02 -0.97
NB HEM I . 9.65 -15.55 -2.25
NC HEM I . 7.00 -15.61 -1.25
ND HEM I . 7.76 -18.12 0.11
FE HEM I . 8.68 -16.79 -1.08
FE1 FES J . 8.93 8.95 15.13
FE2 FES J . 7.62 7.83 12.96
S1 FES J . 6.88 8.02 15.00
S2 FES J . 9.67 8.72 13.09
N1 IMD K . 10.05 15.10 -1.40
C2 IMD K . 9.98 13.73 -1.51
N3 IMD K . 10.47 13.32 -2.69
C4 IMD K . 10.83 14.43 -3.38
C5 IMD K . 10.57 15.53 -2.57
N1 IMD L . 9.17 17.10 1.67
C2 IMD L . 7.92 17.33 2.21
N3 IMD L . 8.02 17.81 3.48
C4 IMD L . 9.33 17.93 3.74
C5 IMD L . 10.05 17.51 2.62
C1 CHD M . 29.82 17.15 0.60
C2 CHD M . 29.88 16.37 -0.71
C3 CHD M . 29.07 17.05 -1.81
O3 CHD M . 29.03 16.17 -2.93
C4 CHD M . 27.62 17.34 -1.35
C5 CHD M . 27.53 18.06 0.01
C6 CHD M . 26.05 18.19 0.44
C7 CHD M . 25.45 16.93 1.08
O7 CHD M . 25.24 15.95 0.05
C8 CHD M . 26.35 16.32 2.16
C9 CHD M . 27.79 16.13 1.63
C10 CHD M . 28.42 17.44 1.11
C11 CHD M . 28.71 15.37 2.60
C12 CHD M . 28.10 14.08 3.14
O12 CHD M . 28.03 13.10 2.11
C13 CHD M . 26.71 14.32 3.73
C14 CHD M . 25.84 14.96 2.66
C15 CHD M . 24.41 14.87 3.17
C16 CHD M . 24.44 13.58 3.99
C17 CHD M . 25.89 13.06 4.03
C18 CHD M . 26.87 15.20 4.99
C19 CHD M . 28.52 18.44 2.26
C20 CHD M . 26.21 12.23 5.28
C21 CHD M . 27.63 11.65 5.29
C22 CHD M . 25.23 11.09 5.53
C23 CHD M . 24.19 11.48 6.59
O25 CHD M . 23.41 9.78 8.05
C24 CHD M . 24.32 10.61 7.82
O26 CHD M . 25.33 10.76 8.56
C1 CHD N . 17.61 9.64 3.27
C2 CHD N . 18.69 8.58 3.18
C3 CHD N . 19.33 8.29 4.54
O3 CHD N . 20.48 7.45 4.31
C4 CHD N . 19.82 9.58 5.21
C5 CHD N . 18.75 10.66 5.34
C6 CHD N . 19.34 11.94 5.99
C7 CHD N . 20.08 12.85 4.99
O7 CHD N . 21.36 12.27 4.65
C8 CHD N . 19.26 13.13 3.72
C9 CHD N . 18.83 11.80 3.08
C10 CHD N . 17.98 10.93 4.03
C11 CHD N . 18.23 11.98 1.67
C12 CHD N . 19.04 12.86 0.70
O12 CHD N . 20.26 12.22 0.28
C13 CHD N . 19.28 14.23 1.34
C14 CHD N . 19.98 14.02 2.69
C15 CHD N . 20.38 15.44 3.13
C16 CHD N . 20.76 16.10 1.80
C17 CHD N . 20.30 15.16 0.66
C18 CHD N . 17.91 14.94 1.50
C19 CHD N . 16.66 11.60 4.43
C20 CHD N . 19.94 15.92 -0.63
C21 CHD N . 19.03 15.22 -1.63
C22 CHD N . 21.21 16.18 -1.44
C23 CHD N . 21.91 17.47 -1.08
O25 CHD N . 23.76 16.93 -2.48
C24 CHD N . 22.89 17.78 -2.20
O26 CHD N . 22.77 18.87 -2.81
S SO4 O . 19.51 15.59 -6.75
O1 SO4 O . 19.39 16.27 -5.46
O2 SO4 O . 20.57 14.57 -6.65
O3 SO4 O . 18.23 14.97 -7.10
O4 SO4 O . 19.86 16.56 -7.78
CHA HEM P . 10.55 19.13 -1.45
CHB HEM P . 13.06 15.76 0.86
CHC HEM P . 8.93 13.43 1.97
CHD HEM P . 6.48 16.48 -0.83
C1A HEM P . 11.59 18.45 -0.91
C2A HEM P . 12.98 18.87 -0.93
C3A HEM P . 13.69 17.93 -0.27
C4A HEM P . 12.76 16.90 0.17
CMA HEM P . 15.22 17.92 0.00
CAA HEM P . 13.47 20.20 -1.58
CBA HEM P . 13.69 20.11 -3.09
CGA HEM P . 15.09 19.61 -3.30
O1A HEM P . 15.24 18.76 -4.20
O2A HEM P . 16.04 20.02 -2.58
C1B HEM P . 12.19 14.85 1.42
C2B HEM P . 12.53 13.80 2.35
C3B HEM P . 11.37 13.16 2.66
C4B HEM P . 10.29 13.80 1.95
CMB HEM P . 13.96 13.49 2.87
CAB HEM P . 11.16 11.97 3.61
CBB HEM P . 11.97 11.69 4.63
C1C HEM P . 7.89 13.99 1.27
C2C HEM P . 6.48 13.53 1.22
C3C HEM P . 5.83 14.41 0.43
C4C HEM P . 6.78 15.42 -0.03
CMC HEM P . 6.07 12.27 1.98
CAC HEM P . 4.40 14.55 -0.07
CBC HEM P . 3.35 14.09 0.54
C1D HEM P . 7.34 17.46 -1.20
C2D HEM P . 6.94 18.59 -2.01
C3D HEM P . 8.22 19.40 -2.19
C4D HEM P . 9.24 18.67 -1.51
CMD HEM P . 5.51 18.92 -2.52
CAD HEM P . 8.36 20.75 -2.95
CBD HEM P . 8.88 20.61 -4.38
CGD HEM P . 7.93 19.80 -5.21
O1D HEM P . 8.27 18.61 -5.44
O2D HEM P . 6.84 20.29 -5.59
NA HEM P . 11.51 17.27 -0.23
NB HEM P . 10.82 14.84 1.20
NC HEM P . 7.98 15.11 0.49
ND HEM P . 8.74 17.50 -0.93
FE HEM P . 9.73 16.17 0.13
#